data_2E45
#
_entry.id   2E45
#
_cell.length_a   1.000
_cell.length_b   1.000
_cell.length_c   1.000
_cell.angle_alpha   90.00
_cell.angle_beta   90.00
_cell.angle_gamma   90.00
#
_symmetry.space_group_name_H-M   'P 1'
#
_entity_poly.entity_id   1
_entity_poly.type   'polypeptide(L)'
_entity_poly.pdbx_seq_one_letter_code
;GPLGSDSFWNPNAFETDSDLPAGWMRVQDTSGTYYWHIPTGTTQWEPPGRASPSQ
;
_entity_poly.pdbx_strand_id   A
#
# COMPACT_ATOMS: atom_id res chain seq x y z
N ASP A 6 21.95 1.74 0.46
CA ASP A 6 23.20 1.54 1.24
C ASP A 6 24.04 0.42 0.61
N SER A 7 23.40 -0.57 0.05
CA SER A 7 24.16 -1.69 -0.58
C SER A 7 23.94 -1.68 -2.09
N PHE A 8 24.66 -0.86 -2.80
CA PHE A 8 24.49 -0.80 -4.28
C PHE A 8 23.05 -0.41 -4.63
N TRP A 9 22.35 0.21 -3.72
CA TRP A 9 20.95 0.60 -3.99
C TRP A 9 20.11 -0.61 -4.40
N ASN A 10 20.10 -1.63 -3.57
CA ASN A 10 19.30 -2.85 -3.91
C ASN A 10 17.89 -2.46 -4.35
N PRO A 11 17.22 -3.40 -4.94
CA PRO A 11 15.83 -3.16 -5.42
C PRO A 11 14.86 -3.08 -4.24
N ASN A 12 15.18 -3.72 -3.16
CA ASN A 12 14.27 -3.69 -1.97
C ASN A 12 14.53 -2.43 -1.14
N ALA A 13 15.65 -2.38 -0.47
CA ALA A 13 15.96 -1.17 0.35
C ALA A 13 14.71 -0.72 1.12
N PHE A 14 14.69 0.51 1.57
CA PHE A 14 13.50 1.01 2.31
C PHE A 14 12.73 2.01 1.47
N GLU A 15 12.46 1.68 0.24
CA GLU A 15 11.71 2.63 -0.64
C GLU A 15 10.24 2.66 -0.23
N THR A 16 9.38 3.09 -1.11
CA THR A 16 7.93 3.15 -0.78
C THR A 16 7.30 1.77 -0.91
N ASP A 17 5.99 1.70 -1.00
CA ASP A 17 5.32 0.39 -1.12
C ASP A 17 5.83 -0.36 -2.36
N SER A 18 5.03 -1.24 -2.91
CA SER A 18 5.48 -1.99 -4.12
C SER A 18 4.80 -1.43 -5.37
N ASP A 19 3.50 -1.34 -5.36
CA ASP A 19 2.77 -0.80 -6.55
C ASP A 19 1.27 -0.75 -6.28
N LEU A 20 0.86 -0.12 -5.20
CA LEU A 20 -0.60 -0.04 -4.91
C LEU A 20 -1.30 0.83 -5.95
N PRO A 21 -2.61 0.82 -5.89
CA PRO A 21 -3.41 1.62 -6.83
C PRO A 21 -3.26 3.11 -6.52
N ALA A 22 -4.05 3.95 -7.15
CA ALA A 22 -3.93 5.41 -6.89
C ALA A 22 -4.81 5.82 -5.71
N GLY A 23 -4.21 6.38 -4.69
CA GLY A 23 -5.01 6.81 -3.50
C GLY A 23 -4.84 5.80 -2.37
N TRP A 24 -3.99 4.82 -2.54
CA TRP A 24 -3.79 3.83 -1.45
C TRP A 24 -2.35 3.85 -0.97
N MET A 25 -2.12 3.80 0.31
CA MET A 25 -0.72 3.82 0.82
C MET A 25 -0.38 2.52 1.55
N ARG A 26 0.88 2.30 1.81
CA ARG A 26 1.29 1.05 2.53
C ARG A 26 2.00 1.44 3.82
N VAL A 27 1.37 1.26 4.95
CA VAL A 27 2.02 1.63 6.24
C VAL A 27 2.37 0.38 7.03
N GLN A 28 3.25 0.52 8.00
CA GLN A 28 3.64 -0.65 8.84
C GLN A 28 3.32 -0.37 10.29
N ASP A 29 2.09 -0.54 10.69
CA ASP A 29 1.72 -0.28 12.12
C ASP A 29 2.23 -1.41 13.01
N THR A 30 2.17 -1.23 14.30
CA THR A 30 2.65 -2.29 15.24
C THR A 30 1.84 -3.57 15.01
N SER A 31 0.67 -3.47 14.47
CA SER A 31 -0.16 -4.68 14.22
C SER A 31 0.31 -5.38 12.93
N GLY A 32 0.76 -4.63 11.97
CA GLY A 32 1.23 -5.25 10.70
C GLY A 32 1.18 -4.21 9.58
N THR A 33 1.63 -4.56 8.41
CA THR A 33 1.60 -3.59 7.28
C THR A 33 0.20 -3.55 6.65
N TYR A 34 -0.49 -2.45 6.78
CA TYR A 34 -1.86 -2.36 6.19
C TYR A 34 -1.89 -1.33 5.06
N TYR A 35 -3.04 -0.79 4.76
CA TYR A 35 -3.14 0.22 3.67
C TYR A 35 -3.93 1.44 4.14
N TRP A 36 -3.45 2.62 3.85
CA TRP A 36 -4.17 3.85 4.27
C TRP A 36 -4.83 4.51 3.05
N HIS A 37 -6.13 4.60 3.06
CA HIS A 37 -6.84 5.22 1.90
C HIS A 37 -6.79 6.76 1.99
N ILE A 38 -6.03 7.37 1.12
CA ILE A 38 -5.89 8.85 1.12
C ILE A 38 -7.20 9.56 0.73
N PRO A 39 -7.94 9.00 -0.19
CA PRO A 39 -9.19 9.66 -0.66
C PRO A 39 -10.30 9.59 0.40
N THR A 40 -10.73 8.40 0.75
CA THR A 40 -11.81 8.29 1.78
C THR A 40 -11.22 8.30 3.19
N GLY A 41 -9.96 8.02 3.32
CA GLY A 41 -9.33 8.02 4.67
C GLY A 41 -9.55 6.65 5.34
N THR A 42 -10.43 5.86 4.80
CA THR A 42 -10.68 4.51 5.40
C THR A 42 -9.39 3.70 5.42
N THR A 43 -9.33 2.68 6.23
CA THR A 43 -8.10 1.83 6.29
C THR A 43 -8.44 0.38 5.94
N GLN A 44 -7.49 -0.36 5.44
CA GLN A 44 -7.77 -1.79 5.10
C GLN A 44 -6.56 -2.66 5.45
N TRP A 45 -6.61 -3.93 5.12
CA TRP A 45 -5.44 -4.81 5.43
C TRP A 45 -5.13 -5.73 4.25
N GLU A 46 -5.86 -5.59 3.18
CA GLU A 46 -5.60 -6.46 1.99
C GLU A 46 -5.23 -5.60 0.77
N PRO A 47 -4.61 -6.22 -0.18
CA PRO A 47 -4.18 -5.51 -1.42
C PRO A 47 -5.41 -5.19 -2.29
N PRO A 48 -5.72 -3.93 -2.37
CA PRO A 48 -6.89 -3.49 -3.18
C PRO A 48 -6.55 -3.55 -4.67
N GLY A 49 -7.16 -4.47 -5.38
CA GLY A 49 -6.88 -4.58 -6.84
C GLY A 49 -8.11 -5.12 -7.56
N ARG A 50 -9.19 -4.39 -7.54
CA ARG A 50 -10.42 -4.85 -8.23
C ARG A 50 -10.19 -4.91 -9.74
N ALA A 51 -10.05 -6.08 -10.29
CA ALA A 51 -9.80 -6.19 -11.76
C ALA A 51 -10.50 -7.44 -12.32
N SER A 52 -11.65 -7.27 -12.90
CA SER A 52 -12.38 -8.45 -13.46
C SER A 52 -12.42 -8.36 -14.99
N PRO A 53 -11.40 -8.88 -15.60
CA PRO A 53 -11.32 -8.87 -17.10
C PRO A 53 -12.32 -9.85 -17.69
N SER A 54 -13.02 -10.57 -16.87
CA SER A 54 -14.01 -11.55 -17.39
C SER A 54 -15.38 -10.87 -17.57
N GLN A 55 -15.66 -9.88 -16.78
CA GLN A 55 -16.97 -9.18 -16.91
C GLN A 55 -16.75 -7.67 -16.95
N ASP A 6 9.87 18.36 -3.80
CA ASP A 6 10.16 17.64 -2.53
C ASP A 6 9.77 16.16 -2.68
N SER A 7 10.26 15.50 -3.70
CA SER A 7 9.92 14.06 -3.89
C SER A 7 11.19 13.25 -4.18
N PHE A 8 11.67 12.52 -3.21
CA PHE A 8 12.90 11.71 -3.44
C PHE A 8 13.03 10.63 -2.36
N TRP A 9 11.98 9.90 -2.10
CA TRP A 9 12.04 8.84 -1.06
C TRP A 9 13.31 8.00 -1.25
N ASN A 10 13.77 7.36 -0.21
CA ASN A 10 15.01 6.53 -0.33
C ASN A 10 14.64 5.05 -0.50
N PRO A 11 15.41 4.38 -1.30
CA PRO A 11 15.17 2.93 -1.55
C PRO A 11 15.58 2.11 -0.33
N ASN A 12 16.45 2.62 0.48
CA ASN A 12 16.89 1.86 1.69
C ASN A 12 15.93 2.11 2.85
N ALA A 13 15.25 3.23 2.84
CA ALA A 13 14.29 3.53 3.95
C ALA A 13 13.20 2.47 3.99
N PHE A 14 12.01 2.85 4.38
CA PHE A 14 10.89 1.85 4.45
C PHE A 14 10.22 1.70 3.08
N GLU A 15 10.36 0.56 2.46
CA GLU A 15 9.73 0.35 1.13
C GLU A 15 8.26 0.82 1.16
N THR A 16 7.84 1.53 0.16
CA THR A 16 6.42 2.00 0.13
C THR A 16 5.53 1.00 -0.61
N ASP A 17 4.35 1.41 -0.99
CA ASP A 17 3.44 0.48 -1.71
C ASP A 17 4.21 -0.33 -2.74
N SER A 18 4.10 -1.63 -2.70
CA SER A 18 4.82 -2.48 -3.68
C SER A 18 4.14 -2.42 -5.05
N ASP A 19 2.86 -2.16 -5.09
CA ASP A 19 2.15 -2.10 -6.39
C ASP A 19 0.66 -1.78 -6.17
N LEU A 20 0.36 -0.77 -5.41
CA LEU A 20 -1.07 -0.42 -5.16
C LEU A 20 -1.55 0.58 -6.22
N PRO A 21 -2.84 0.76 -6.27
CA PRO A 21 -3.43 1.71 -7.24
C PRO A 21 -3.12 3.16 -6.84
N ALA A 22 -3.83 4.11 -7.37
CA ALA A 22 -3.57 5.53 -7.01
C ALA A 22 -4.52 5.99 -5.91
N GLY A 23 -3.98 6.40 -4.79
CA GLY A 23 -4.85 6.87 -3.66
C GLY A 23 -4.74 5.89 -2.49
N TRP A 24 -3.96 4.85 -2.64
CA TRP A 24 -3.83 3.87 -1.52
C TRP A 24 -2.38 3.85 -1.04
N MET A 25 -2.17 3.73 0.24
CA MET A 25 -0.78 3.72 0.77
C MET A 25 -0.49 2.42 1.52
N ARG A 26 0.76 2.15 1.79
CA ARG A 26 1.13 0.91 2.53
C ARG A 26 1.87 1.28 3.81
N VAL A 27 1.22 1.16 4.94
CA VAL A 27 1.91 1.52 6.22
C VAL A 27 2.24 0.27 7.03
N GLN A 28 3.10 0.42 7.99
CA GLN A 28 3.48 -0.75 8.84
C GLN A 28 3.17 -0.44 10.30
N ASP A 29 1.95 -0.67 10.72
CA ASP A 29 1.59 -0.38 12.14
C ASP A 29 2.27 -1.38 13.08
N THR A 30 2.14 -1.19 14.36
CA THR A 30 2.78 -2.12 15.33
C THR A 30 2.12 -3.50 15.26
N SER A 31 1.06 -3.62 14.51
CA SER A 31 0.36 -4.94 14.41
C SER A 31 0.69 -5.60 13.06
N GLY A 32 1.01 -4.81 12.07
CA GLY A 32 1.34 -5.40 10.74
C GLY A 32 1.25 -4.30 9.67
N THR A 33 1.43 -4.66 8.43
CA THR A 33 1.36 -3.65 7.34
C THR A 33 -0.07 -3.61 6.75
N TYR A 34 -0.74 -2.49 6.85
CA TYR A 34 -2.12 -2.40 6.29
C TYR A 34 -2.15 -1.41 5.13
N TYR A 35 -3.29 -0.83 4.86
CA TYR A 35 -3.38 0.14 3.74
C TYR A 35 -4.17 1.39 4.17
N TRP A 36 -3.68 2.55 3.83
CA TRP A 36 -4.40 3.81 4.19
C TRP A 36 -5.05 4.42 2.96
N HIS A 37 -6.29 4.81 3.06
CA HIS A 37 -6.97 5.40 1.88
C HIS A 37 -6.84 6.93 1.90
N ILE A 38 -6.04 7.47 1.03
CA ILE A 38 -5.83 8.94 0.98
C ILE A 38 -7.12 9.71 0.63
N PRO A 39 -7.90 9.18 -0.28
CA PRO A 39 -9.15 9.87 -0.70
C PRO A 39 -10.24 9.79 0.38
N THR A 40 -10.70 8.63 0.71
CA THR A 40 -11.78 8.52 1.74
C THR A 40 -11.19 8.46 3.15
N GLY A 41 -10.01 7.92 3.30
CA GLY A 41 -9.39 7.85 4.65
C GLY A 41 -9.71 6.50 5.29
N THR A 42 -10.31 5.60 4.55
CA THR A 42 -10.64 4.26 5.11
C THR A 42 -9.38 3.41 5.23
N THR A 43 -9.35 2.50 6.15
CA THR A 43 -8.15 1.63 6.32
C THR A 43 -8.53 0.16 6.12
N GLN A 44 -7.61 -0.65 5.69
CA GLN A 44 -7.94 -2.09 5.47
C GLN A 44 -6.75 -2.96 5.89
N TRP A 45 -6.52 -4.04 5.17
CA TRP A 45 -5.39 -4.94 5.52
C TRP A 45 -4.65 -5.36 4.26
N GLU A 46 -5.36 -5.91 3.31
CA GLU A 46 -4.71 -6.35 2.04
C GLU A 46 -4.76 -5.22 1.01
N PRO A 47 -3.97 -5.38 -0.02
CA PRO A 47 -3.93 -4.37 -1.11
C PRO A 47 -5.19 -4.43 -1.96
N PRO A 48 -5.80 -3.29 -2.15
CA PRO A 48 -7.05 -3.21 -2.96
C PRO A 48 -6.73 -3.39 -4.44
N GLY A 49 -7.32 -4.38 -5.07
CA GLY A 49 -7.06 -4.60 -6.51
C GLY A 49 -8.39 -4.84 -7.25
N ARG A 50 -8.76 -3.93 -8.11
CA ARG A 50 -10.05 -4.11 -8.86
C ARG A 50 -9.76 -4.52 -10.30
N ALA A 51 -8.55 -4.33 -10.75
CA ALA A 51 -8.21 -4.73 -12.15
C ALA A 51 -7.56 -6.11 -12.17
N SER A 52 -7.84 -6.89 -13.18
CA SER A 52 -7.23 -8.26 -13.25
C SER A 52 -7.74 -9.01 -14.47
N PRO A 53 -6.86 -9.69 -15.12
CA PRO A 53 -7.21 -10.47 -16.34
C PRO A 53 -8.03 -11.71 -15.96
N SER A 54 -7.37 -12.81 -15.71
CA SER A 54 -8.10 -14.06 -15.33
C SER A 54 -8.24 -14.14 -13.81
N GLN A 55 -9.19 -14.90 -13.33
CA GLN A 55 -9.38 -15.02 -11.86
C GLN A 55 -10.01 -16.36 -11.52
N ASP A 6 27.31 3.03 13.37
CA ASP A 6 26.23 3.90 13.93
C ASP A 6 25.58 4.71 12.80
N SER A 7 24.90 5.77 13.14
CA SER A 7 24.24 6.61 12.09
C SER A 7 23.15 5.79 11.38
N PHE A 8 21.96 5.77 11.92
CA PHE A 8 20.86 5.00 11.28
C PHE A 8 20.07 5.91 10.33
N TRP A 9 19.75 7.10 10.77
CA TRP A 9 18.97 8.03 9.89
C TRP A 9 19.64 8.14 8.52
N ASN A 10 19.00 7.66 7.50
CA ASN A 10 19.60 7.75 6.14
C ASN A 10 18.60 8.39 5.16
N PRO A 11 19.12 9.25 4.33
CA PRO A 11 18.27 9.94 3.33
C PRO A 11 17.86 8.98 2.21
N ASN A 12 18.65 7.99 1.96
CA ASN A 12 18.30 7.01 0.88
C ASN A 12 17.49 5.85 1.46
N ALA A 13 16.58 6.14 2.36
CA ALA A 13 15.76 5.05 2.96
C ALA A 13 14.28 5.25 2.61
N PHE A 14 14.00 6.04 1.62
CA PHE A 14 12.58 6.27 1.23
C PHE A 14 12.15 5.28 0.13
N GLU A 15 11.75 4.10 0.53
CA GLU A 15 11.33 3.09 -0.48
C GLU A 15 9.93 3.42 -1.02
N THR A 16 9.50 2.75 -2.04
CA THR A 16 8.15 3.03 -2.61
C THR A 16 7.12 2.08 -2.00
N ASP A 17 5.93 2.04 -2.56
CA ASP A 17 4.88 1.13 -2.00
C ASP A 17 4.96 -0.23 -2.68
N SER A 18 3.92 -1.02 -2.58
CA SER A 18 3.93 -2.36 -3.22
C SER A 18 3.04 -2.35 -4.47
N ASP A 19 3.27 -1.44 -5.37
CA ASP A 19 2.46 -1.37 -6.61
C ASP A 19 0.97 -1.26 -6.25
N LEU A 20 0.61 -0.30 -5.44
CA LEU A 20 -0.82 -0.13 -5.06
C LEU A 20 -1.55 0.70 -6.12
N PRO A 21 -2.84 0.73 -6.01
CA PRO A 21 -3.67 1.50 -6.97
C PRO A 21 -3.50 3.00 -6.71
N ALA A 22 -4.44 3.80 -7.16
CA ALA A 22 -4.32 5.26 -6.96
C ALA A 22 -5.11 5.70 -5.72
N GLY A 23 -4.45 6.34 -4.79
CA GLY A 23 -5.17 6.81 -3.56
C GLY A 23 -4.95 5.81 -2.42
N TRP A 24 -4.09 4.86 -2.60
CA TRP A 24 -3.84 3.87 -1.52
C TRP A 24 -2.37 3.89 -1.10
N MET A 25 -2.11 3.82 0.18
CA MET A 25 -0.69 3.87 0.66
C MET A 25 -0.34 2.60 1.43
N ARG A 26 0.92 2.41 1.74
CA ARG A 26 1.32 1.21 2.51
C ARG A 26 1.99 1.64 3.83
N VAL A 27 1.35 1.42 4.94
CA VAL A 27 1.95 1.83 6.24
C VAL A 27 2.33 0.61 7.08
N GLN A 28 3.15 0.81 8.08
CA GLN A 28 3.55 -0.33 8.95
C GLN A 28 3.15 -0.04 10.40
N ASP A 29 1.99 -0.46 10.80
CA ASP A 29 1.54 -0.20 12.21
C ASP A 29 1.93 -1.36 13.12
N THR A 30 1.48 -1.34 14.35
CA THR A 30 1.82 -2.44 15.30
C THR A 30 1.17 -3.75 14.85
N SER A 31 -0.01 -3.67 14.27
CA SER A 31 -0.70 -4.90 13.81
C SER A 31 -0.01 -5.46 12.55
N GLY A 32 0.76 -4.66 11.88
CA GLY A 32 1.45 -5.15 10.66
C GLY A 32 1.39 -4.07 9.57
N THR A 33 1.82 -4.40 8.38
CA THR A 33 1.78 -3.39 7.28
C THR A 33 0.40 -3.40 6.61
N TYR A 34 -0.34 -2.34 6.73
CA TYR A 34 -1.69 -2.29 6.10
C TYR A 34 -1.72 -1.24 4.99
N TYR A 35 -2.88 -0.74 4.67
CA TYR A 35 -2.99 0.30 3.59
C TYR A 35 -3.78 1.51 4.08
N TRP A 36 -3.37 2.68 3.69
CA TRP A 36 -4.10 3.92 4.13
C TRP A 36 -4.80 4.56 2.93
N HIS A 37 -6.07 4.82 3.04
CA HIS A 37 -6.81 5.45 1.91
C HIS A 37 -6.66 6.97 1.98
N ILE A 38 -5.92 7.53 1.06
CA ILE A 38 -5.71 9.00 1.04
C ILE A 38 -7.01 9.78 0.77
N PRO A 39 -7.83 9.26 -0.10
CA PRO A 39 -9.10 9.97 -0.45
C PRO A 39 -10.14 9.87 0.67
N THR A 40 -10.58 8.69 1.00
CA THR A 40 -11.61 8.55 2.07
C THR A 40 -10.95 8.46 3.46
N GLY A 41 -9.74 7.99 3.53
CA GLY A 41 -9.06 7.89 4.84
C GLY A 41 -9.35 6.52 5.47
N THR A 42 -10.08 5.69 4.78
CA THR A 42 -10.40 4.34 5.33
C THR A 42 -9.14 3.48 5.38
N THR A 43 -9.10 2.52 6.25
CA THR A 43 -7.90 1.64 6.34
C THR A 43 -8.29 0.18 6.08
N GLN A 44 -7.38 -0.62 5.58
CA GLN A 44 -7.72 -2.04 5.31
C GLN A 44 -6.53 -2.95 5.66
N TRP A 45 -6.57 -4.19 5.28
CA TRP A 45 -5.43 -5.11 5.59
C TRP A 45 -5.10 -5.99 4.38
N GLU A 46 -5.79 -5.81 3.28
CA GLU A 46 -5.50 -6.65 2.08
C GLU A 46 -5.10 -5.76 0.91
N PRO A 47 -4.49 -6.38 -0.07
CA PRO A 47 -4.03 -5.66 -1.28
C PRO A 47 -5.23 -5.33 -2.18
N PRO A 48 -5.47 -4.05 -2.34
CA PRO A 48 -6.60 -3.60 -3.19
C PRO A 48 -6.27 -3.81 -4.67
N GLY A 49 -6.75 -4.87 -5.26
CA GLY A 49 -6.47 -5.12 -6.70
C GLY A 49 -7.73 -4.89 -7.53
N ARG A 50 -7.84 -3.75 -8.16
CA ARG A 50 -9.05 -3.46 -8.98
C ARG A 50 -8.68 -3.37 -10.46
N ALA A 51 -9.42 -4.02 -11.31
CA ALA A 51 -9.11 -3.96 -12.76
C ALA A 51 -10.40 -4.05 -13.59
N SER A 52 -11.33 -4.84 -13.15
CA SER A 52 -12.62 -4.97 -13.91
C SER A 52 -13.47 -3.71 -13.72
N PRO A 53 -13.69 -3.36 -12.48
CA PRO A 53 -14.50 -2.16 -12.18
C PRO A 53 -13.70 -0.89 -12.45
N SER A 54 -14.28 0.04 -13.17
CA SER A 54 -13.55 1.30 -13.47
C SER A 54 -12.25 1.01 -14.22
N GLN A 55 -12.26 0.03 -15.08
CA GLN A 55 -11.02 -0.30 -15.84
C GLN A 55 -10.54 0.92 -16.64
N ASP A 6 17.69 13.33 4.29
CA ASP A 6 18.32 14.66 4.10
C ASP A 6 18.50 14.97 2.61
N SER A 7 19.58 14.54 2.02
CA SER A 7 19.81 14.80 0.58
C SER A 7 19.79 13.49 -0.21
N PHE A 8 20.03 12.39 0.45
CA PHE A 8 20.03 11.08 -0.27
C PHE A 8 18.66 10.42 -0.12
N TRP A 9 17.76 10.69 -1.03
CA TRP A 9 16.40 10.06 -0.94
C TRP A 9 16.53 8.55 -0.77
N ASN A 10 15.69 7.96 0.04
CA ASN A 10 15.75 6.49 0.25
C ASN A 10 15.92 5.77 -1.09
N PRO A 11 17.10 5.23 -1.30
CA PRO A 11 17.39 4.50 -2.56
C PRO A 11 16.67 3.15 -2.58
N ASN A 12 17.30 2.12 -2.08
CA ASN A 12 16.65 0.78 -2.08
C ASN A 12 15.71 0.65 -0.87
N ALA A 13 16.26 0.55 0.31
CA ALA A 13 15.39 0.43 1.52
C ALA A 13 14.26 -0.58 1.26
N PHE A 14 13.29 -0.64 2.13
CA PHE A 14 12.17 -1.60 1.94
C PHE A 14 11.21 -1.08 0.88
N GLU A 15 11.32 -1.58 -0.32
CA GLU A 15 10.40 -1.11 -1.41
C GLU A 15 8.94 -1.26 -0.97
N THR A 16 8.01 -0.99 -1.84
CA THR A 16 6.57 -1.12 -1.47
C THR A 16 5.95 -2.31 -2.18
N ASP A 17 4.65 -2.43 -2.14
CA ASP A 17 3.98 -3.59 -2.82
C ASP A 17 4.30 -3.59 -4.31
N SER A 18 3.58 -4.37 -5.07
CA SER A 18 3.85 -4.41 -6.54
C SER A 18 3.42 -3.10 -7.19
N ASP A 19 2.24 -2.63 -6.88
CA ASP A 19 1.76 -1.35 -7.48
C ASP A 19 0.27 -1.13 -7.14
N LEU A 20 -0.01 -0.58 -5.99
CA LEU A 20 -1.43 -0.34 -5.61
C LEU A 20 -2.04 0.72 -6.53
N PRO A 21 -3.34 0.85 -6.47
CA PRO A 21 -4.05 1.84 -7.29
C PRO A 21 -3.74 3.26 -6.81
N ALA A 22 -4.26 4.25 -7.47
CA ALA A 22 -3.98 5.66 -7.05
C ALA A 22 -4.87 6.05 -5.86
N GLY A 23 -4.27 6.46 -4.78
CA GLY A 23 -5.06 6.87 -3.59
C GLY A 23 -4.91 5.83 -2.47
N TRP A 24 -4.07 4.85 -2.67
CA TRP A 24 -3.89 3.82 -1.60
C TRP A 24 -2.43 3.79 -1.15
N MET A 25 -2.20 3.73 0.13
CA MET A 25 -0.79 3.71 0.64
C MET A 25 -0.52 2.44 1.45
N ARG A 26 0.73 2.17 1.71
CA ARG A 26 1.08 0.96 2.50
C ARG A 26 1.85 1.37 3.76
N VAL A 27 1.28 1.17 4.92
CA VAL A 27 2.00 1.57 6.17
C VAL A 27 2.30 0.34 7.04
N GLN A 28 3.21 0.50 7.96
CA GLN A 28 3.58 -0.63 8.85
C GLN A 28 3.32 -0.25 10.32
N ASP A 29 2.22 -0.67 10.87
CA ASP A 29 1.93 -0.32 12.29
C ASP A 29 2.18 -1.52 13.21
N THR A 30 1.90 -1.38 14.47
CA THR A 30 2.13 -2.50 15.42
C THR A 30 1.44 -3.78 14.91
N SER A 31 0.14 -3.77 14.86
CA SER A 31 -0.60 -4.99 14.37
C SER A 31 0.10 -5.57 13.15
N GLY A 32 0.37 -4.75 12.16
CA GLY A 32 1.05 -5.24 10.93
C GLY A 32 0.99 -4.17 9.85
N THR A 33 1.38 -4.51 8.65
CA THR A 33 1.36 -3.51 7.55
C THR A 33 -0.04 -3.46 6.90
N TYR A 34 -0.68 -2.33 6.96
CA TYR A 34 -2.04 -2.23 6.36
C TYR A 34 -2.03 -1.26 5.17
N TYR A 35 -3.16 -0.73 4.81
CA TYR A 35 -3.22 0.22 3.66
C TYR A 35 -3.98 1.48 4.07
N TRP A 36 -3.41 2.63 3.83
CA TRP A 36 -4.09 3.90 4.21
C TRP A 36 -4.77 4.54 2.99
N HIS A 37 -6.06 4.72 3.06
CA HIS A 37 -6.78 5.32 1.91
C HIS A 37 -6.68 6.85 1.97
N ILE A 38 -5.95 7.43 1.05
CA ILE A 38 -5.76 8.90 1.03
C ILE A 38 -7.06 9.66 0.69
N PRO A 39 -7.81 9.13 -0.25
CA PRO A 39 -9.07 9.81 -0.66
C PRO A 39 -10.17 9.65 0.38
N THR A 40 -10.52 8.44 0.74
CA THR A 40 -11.60 8.25 1.76
C THR A 40 -11.02 8.30 3.18
N GLY A 41 -9.80 7.87 3.35
CA GLY A 41 -9.19 7.89 4.70
C GLY A 41 -9.40 6.53 5.37
N THR A 42 -10.24 5.70 4.80
CA THR A 42 -10.49 4.36 5.39
C THR A 42 -9.19 3.54 5.44
N THR A 43 -9.12 2.57 6.28
CA THR A 43 -7.90 1.72 6.37
C THR A 43 -8.25 0.26 6.07
N GLN A 44 -7.30 -0.53 5.65
CA GLN A 44 -7.59 -1.96 5.35
C GLN A 44 -6.44 -2.85 5.80
N TRP A 45 -6.16 -3.89 5.07
CA TRP A 45 -5.06 -4.81 5.45
C TRP A 45 -4.34 -5.33 4.20
N GLU A 46 -5.09 -5.93 3.31
CA GLU A 46 -4.47 -6.47 2.06
C GLU A 46 -4.49 -5.40 0.95
N PRO A 47 -3.71 -5.65 -0.07
CA PRO A 47 -3.64 -4.70 -1.21
C PRO A 47 -4.90 -4.79 -2.06
N PRO A 48 -5.59 -3.69 -2.18
CA PRO A 48 -6.83 -3.65 -2.98
C PRO A 48 -6.51 -3.63 -4.48
N GLY A 49 -7.39 -4.16 -5.29
CA GLY A 49 -7.12 -4.19 -6.76
C GLY A 49 -6.02 -5.20 -7.07
N ARG A 50 -5.84 -6.17 -6.22
CA ARG A 50 -4.79 -7.20 -6.47
C ARG A 50 -5.23 -8.56 -5.95
N ALA A 51 -5.91 -8.59 -4.83
CA ALA A 51 -6.38 -9.89 -4.28
C ALA A 51 -7.87 -10.07 -4.53
N SER A 52 -8.23 -10.81 -5.54
CA SER A 52 -9.67 -11.04 -5.84
C SER A 52 -9.83 -12.25 -6.76
N PRO A 53 -10.71 -13.13 -6.38
CA PRO A 53 -10.97 -14.35 -7.18
C PRO A 53 -11.76 -14.01 -8.45
N SER A 54 -12.25 -14.99 -9.14
CA SER A 54 -13.03 -14.73 -10.38
C SER A 54 -13.68 -16.02 -10.89
N GLN A 55 -14.38 -15.94 -12.00
CA GLN A 55 -15.04 -17.16 -12.53
C GLN A 55 -13.99 -18.22 -12.89
N ASP A 6 28.07 -16.42 2.80
CA ASP A 6 28.84 -15.15 2.84
C ASP A 6 27.92 -13.98 3.24
N SER A 7 26.64 -14.17 3.10
CA SER A 7 25.70 -13.07 3.46
C SER A 7 24.81 -13.49 4.64
N PHE A 8 24.03 -12.59 5.17
CA PHE A 8 23.15 -12.94 6.32
C PHE A 8 21.98 -11.97 6.40
N TRP A 9 22.24 -10.71 6.65
CA TRP A 9 21.14 -9.72 6.74
C TRP A 9 20.31 -9.73 5.45
N ASN A 10 19.31 -8.89 5.37
CA ASN A 10 18.47 -8.85 4.14
C ASN A 10 19.33 -8.56 2.92
N PRO A 11 18.84 -8.96 1.78
CA PRO A 11 19.57 -8.73 0.51
C PRO A 11 19.50 -7.26 0.10
N ASN A 12 18.39 -6.63 0.35
CA ASN A 12 18.26 -5.19 -0.02
C ASN A 12 17.39 -4.45 1.00
N ALA A 13 17.51 -4.79 2.26
CA ALA A 13 16.68 -4.12 3.29
C ALA A 13 15.20 -4.14 2.90
N PHE A 14 14.44 -3.20 3.40
CA PHE A 14 12.99 -3.17 3.06
C PHE A 14 12.80 -2.63 1.64
N GLU A 15 11.64 -2.15 1.33
CA GLU A 15 11.38 -1.62 -0.04
C GLU A 15 10.19 -0.66 -0.02
N THR A 16 10.21 0.33 -0.87
CA THR A 16 9.07 1.30 -0.89
C THR A 16 7.76 0.56 -1.19
N ASP A 17 6.71 1.30 -1.47
CA ASP A 17 5.41 0.64 -1.77
C ASP A 17 5.59 -0.50 -2.77
N SER A 18 4.78 -1.51 -2.69
CA SER A 18 4.91 -2.65 -3.63
C SER A 18 4.26 -2.31 -4.98
N ASP A 19 2.99 -2.06 -4.98
CA ASP A 19 2.30 -1.71 -6.25
C ASP A 19 0.82 -1.43 -5.99
N LEU A 20 0.51 -0.62 -5.02
CA LEU A 20 -0.92 -0.32 -4.72
C LEU A 20 -1.51 0.57 -5.82
N PRO A 21 -2.80 0.70 -5.80
CA PRO A 21 -3.49 1.54 -6.80
C PRO A 21 -3.16 3.01 -6.56
N ALA A 22 -3.96 3.91 -7.08
CA ALA A 22 -3.67 5.35 -6.88
C ALA A 22 -4.45 5.92 -5.69
N GLY A 23 -3.76 6.48 -4.74
CA GLY A 23 -4.46 7.06 -3.56
C GLY A 23 -4.32 6.12 -2.36
N TRP A 24 -3.92 4.90 -2.59
CA TRP A 24 -3.77 3.95 -1.44
C TRP A 24 -2.32 3.93 -0.96
N MET A 25 -2.11 3.89 0.33
CA MET A 25 -0.72 3.89 0.86
C MET A 25 -0.42 2.57 1.57
N ARG A 26 0.83 2.29 1.79
CA ARG A 26 1.21 1.04 2.49
C ARG A 26 1.98 1.37 3.77
N VAL A 27 1.35 1.29 4.90
CA VAL A 27 2.05 1.63 6.17
C VAL A 27 2.36 0.36 6.96
N GLN A 28 3.27 0.46 7.89
CA GLN A 28 3.63 -0.73 8.72
C GLN A 28 3.37 -0.44 10.20
N ASP A 29 2.16 -0.58 10.64
CA ASP A 29 1.85 -0.30 12.07
C ASP A 29 2.35 -1.44 12.95
N THR A 30 2.50 -1.20 14.22
CA THR A 30 3.00 -2.28 15.14
C THR A 30 2.10 -3.52 15.02
N SER A 31 0.91 -3.36 14.52
CA SER A 31 0.00 -4.53 14.38
C SER A 31 0.28 -5.26 13.07
N GLY A 32 0.69 -4.54 12.06
CA GLY A 32 0.98 -5.19 10.75
C GLY A 32 0.92 -4.15 9.63
N THR A 33 1.41 -4.49 8.47
CA THR A 33 1.38 -3.52 7.34
C THR A 33 -0.01 -3.47 6.71
N TYR A 34 -0.67 -2.35 6.78
CA TYR A 34 -2.04 -2.26 6.19
C TYR A 34 -2.05 -1.27 5.02
N TYR A 35 -3.21 -0.79 4.67
CA TYR A 35 -3.30 0.18 3.54
C TYR A 35 -4.10 1.41 3.97
N TRP A 36 -3.54 2.58 3.81
CA TRP A 36 -4.27 3.82 4.23
C TRP A 36 -4.92 4.49 3.02
N HIS A 37 -6.22 4.57 3.00
CA HIS A 37 -6.92 5.22 1.86
C HIS A 37 -6.86 6.75 2.01
N ILE A 38 -6.08 7.39 1.18
CA ILE A 38 -5.95 8.87 1.26
C ILE A 38 -7.23 9.62 0.86
N PRO A 39 -7.95 9.10 -0.10
CA PRO A 39 -9.19 9.79 -0.57
C PRO A 39 -10.31 9.69 0.46
N THR A 40 -10.74 8.51 0.79
CA THR A 40 -11.84 8.37 1.78
C THR A 40 -11.28 8.34 3.20
N GLY A 41 -10.04 7.96 3.35
CA GLY A 41 -9.44 7.90 4.71
C GLY A 41 -9.65 6.52 5.32
N THR A 42 -10.53 5.74 4.75
CA THR A 42 -10.78 4.38 5.30
C THR A 42 -9.48 3.56 5.30
N THR A 43 -9.41 2.56 6.13
CA THR A 43 -8.18 1.73 6.17
C THR A 43 -8.53 0.27 5.86
N GLN A 44 -7.55 -0.53 5.52
CA GLN A 44 -7.84 -1.97 5.20
C GLN A 44 -6.64 -2.84 5.58
N TRP A 45 -6.51 -3.99 4.97
CA TRP A 45 -5.37 -4.88 5.29
C TRP A 45 -4.87 -5.59 4.02
N GLU A 46 -5.76 -5.96 3.14
CA GLU A 46 -5.34 -6.66 1.90
C GLU A 46 -5.08 -5.64 0.78
N PRO A 47 -4.38 -6.09 -0.23
CA PRO A 47 -4.07 -5.22 -1.38
C PRO A 47 -5.31 -4.98 -2.25
N PRO A 48 -5.78 -3.77 -2.23
CA PRO A 48 -6.97 -3.40 -3.03
C PRO A 48 -6.63 -3.33 -4.51
N GLY A 49 -6.54 -4.45 -5.17
CA GLY A 49 -6.21 -4.43 -6.63
C GLY A 49 -7.15 -5.37 -7.37
N ARG A 50 -8.40 -5.38 -7.02
CA ARG A 50 -9.38 -6.27 -7.72
C ARG A 50 -10.21 -5.47 -8.72
N ALA A 51 -9.68 -4.37 -9.19
CA ALA A 51 -10.45 -3.55 -10.17
C ALA A 51 -9.50 -2.61 -10.93
N SER A 52 -8.24 -2.94 -10.97
CA SER A 52 -7.27 -2.06 -11.70
C SER A 52 -5.97 -2.83 -11.98
N PRO A 53 -6.08 -3.83 -12.80
CA PRO A 53 -4.91 -4.66 -13.16
C PRO A 53 -3.97 -3.88 -14.09
N SER A 54 -4.38 -2.72 -14.53
CA SER A 54 -3.51 -1.92 -15.45
C SER A 54 -2.56 -1.04 -14.63
N GLN A 55 -2.92 -0.73 -13.41
CA GLN A 55 -2.03 0.12 -12.57
C GLN A 55 -2.73 0.47 -11.25
N ASP A 6 26.24 12.45 -14.55
CA ASP A 6 25.68 12.57 -13.17
C ASP A 6 25.89 11.27 -12.39
N SER A 7 24.95 10.92 -11.54
CA SER A 7 25.10 9.67 -10.76
C SER A 7 26.40 9.68 -9.96
N PHE A 8 26.68 10.77 -9.30
CA PHE A 8 27.94 10.85 -8.50
C PHE A 8 27.64 10.65 -7.01
N TRP A 9 26.39 10.58 -6.66
CA TRP A 9 26.03 10.38 -5.22
C TRP A 9 24.50 10.27 -5.07
N ASN A 10 24.04 9.21 -4.46
CA ASN A 10 22.57 9.04 -4.28
C ASN A 10 22.09 9.77 -3.03
N PRO A 11 21.03 10.52 -3.18
CA PRO A 11 20.47 11.29 -2.04
C PRO A 11 19.77 10.34 -1.06
N ASN A 12 18.49 10.10 -1.26
CA ASN A 12 17.76 9.20 -0.34
C ASN A 12 17.44 7.88 -1.06
N ALA A 13 17.22 7.93 -2.34
CA ALA A 13 16.91 6.69 -3.10
C ALA A 13 15.70 5.98 -2.48
N PHE A 14 14.52 6.36 -2.86
CA PHE A 14 13.30 5.71 -2.30
C PHE A 14 12.15 5.78 -3.30
N GLU A 15 11.88 4.72 -3.99
CA GLU A 15 10.78 4.73 -4.99
C GLU A 15 9.43 4.91 -4.29
N THR A 16 8.38 5.15 -5.03
CA THR A 16 7.04 5.33 -4.40
C THR A 16 6.60 4.04 -3.71
N ASP A 17 5.34 3.96 -3.34
CA ASP A 17 4.86 2.73 -2.66
C ASP A 17 5.17 1.49 -3.52
N SER A 18 4.66 0.36 -3.15
CA SER A 18 4.93 -0.88 -3.94
C SER A 18 4.21 -0.81 -5.28
N ASP A 19 2.99 -1.28 -5.35
CA ASP A 19 2.23 -1.24 -6.63
C ASP A 19 0.73 -1.11 -6.35
N LEU A 20 0.35 -0.16 -5.54
CA LEU A 20 -1.10 0.02 -5.22
C LEU A 20 -1.72 1.05 -6.18
N PRO A 21 -3.02 1.10 -6.18
CA PRO A 21 -3.75 2.05 -7.05
C PRO A 21 -3.55 3.48 -6.55
N ALA A 22 -4.15 4.43 -7.21
CA ALA A 22 -3.99 5.85 -6.78
C ALA A 22 -4.88 6.15 -5.57
N GLY A 23 -4.32 6.72 -4.54
CA GLY A 23 -5.15 7.04 -3.33
C GLY A 23 -4.97 5.94 -2.28
N TRP A 24 -4.15 4.97 -2.55
CA TRP A 24 -3.95 3.87 -1.56
C TRP A 24 -2.48 3.83 -1.13
N MET A 25 -2.22 3.77 0.15
CA MET A 25 -0.82 3.73 0.64
C MET A 25 -0.56 2.45 1.44
N ARG A 26 0.69 2.13 1.67
CA ARG A 26 1.03 0.90 2.45
C ARG A 26 1.84 1.29 3.69
N VAL A 27 1.29 1.12 4.86
CA VAL A 27 2.06 1.48 6.09
C VAL A 27 2.38 0.25 6.93
N GLN A 28 3.34 0.36 7.80
CA GLN A 28 3.72 -0.80 8.65
C GLN A 28 3.54 -0.44 10.13
N ASP A 29 2.41 -0.77 10.70
CA ASP A 29 2.17 -0.44 12.14
C ASP A 29 2.50 -1.65 13.02
N THR A 30 2.48 -1.48 14.31
CA THR A 30 2.78 -2.62 15.23
C THR A 30 1.82 -3.77 14.96
N SER A 31 0.55 -3.49 14.84
CA SER A 31 -0.44 -4.58 14.57
C SER A 31 -0.10 -5.30 13.27
N GLY A 32 0.45 -4.59 12.32
CA GLY A 32 0.79 -5.24 11.02
C GLY A 32 0.80 -4.19 9.91
N THR A 33 1.25 -4.55 8.74
CA THR A 33 1.29 -3.58 7.62
C THR A 33 -0.11 -3.47 6.98
N TYR A 34 -0.70 -2.31 7.05
CA TYR A 34 -2.05 -2.13 6.45
C TYR A 34 -2.01 -1.16 5.29
N TYR A 35 -3.13 -0.60 4.92
CA TYR A 35 -3.15 0.37 3.79
C TYR A 35 -3.94 1.63 4.18
N TRP A 36 -3.52 2.77 3.74
CA TRP A 36 -4.25 4.02 4.10
C TRP A 36 -4.93 4.62 2.87
N HIS A 37 -6.21 4.83 2.93
CA HIS A 37 -6.94 5.41 1.77
C HIS A 37 -6.87 6.94 1.84
N ILE A 38 -5.96 7.52 1.11
CA ILE A 38 -5.79 9.01 1.12
C ILE A 38 -7.06 9.75 0.69
N PRO A 39 -7.73 9.25 -0.32
CA PRO A 39 -8.96 9.94 -0.82
C PRO A 39 -10.12 9.83 0.18
N THR A 40 -10.49 8.65 0.57
CA THR A 40 -11.62 8.52 1.54
C THR A 40 -11.10 8.62 2.97
N GLY A 41 -10.08 7.87 3.31
CA GLY A 41 -9.54 7.92 4.68
C GLY A 41 -9.70 6.55 5.35
N THR A 42 -10.36 5.63 4.68
CA THR A 42 -10.57 4.27 5.27
C THR A 42 -9.26 3.48 5.26
N THR A 43 -9.15 2.49 6.09
CA THR A 43 -7.90 1.67 6.11
C THR A 43 -8.23 0.20 5.81
N GLN A 44 -7.26 -0.57 5.41
CA GLN A 44 -7.53 -2.01 5.10
C GLN A 44 -6.35 -2.87 5.57
N TRP A 45 -6.35 -4.13 5.23
CA TRP A 45 -5.22 -5.01 5.66
C TRP A 45 -4.77 -5.91 4.52
N GLU A 46 -5.37 -5.76 3.36
CA GLU A 46 -4.97 -6.60 2.21
C GLU A 46 -4.77 -5.75 0.95
N PRO A 47 -4.12 -6.32 -0.02
CA PRO A 47 -3.85 -5.60 -1.29
C PRO A 47 -5.15 -5.45 -2.10
N PRO A 48 -5.45 -4.23 -2.44
CA PRO A 48 -6.68 -3.94 -3.22
C PRO A 48 -6.45 -4.20 -4.71
N GLY A 49 -6.19 -5.43 -5.09
CA GLY A 49 -5.95 -5.74 -6.52
C GLY A 49 -4.82 -4.86 -7.06
N ARG A 50 -3.69 -5.45 -7.34
CA ARG A 50 -2.55 -4.64 -7.87
C ARG A 50 -2.94 -3.98 -9.21
N ALA A 51 -2.29 -2.91 -9.56
CA ALA A 51 -2.62 -2.22 -10.84
C ALA A 51 -4.13 -1.95 -10.92
N SER A 52 -4.61 -1.61 -12.08
CA SER A 52 -6.08 -1.33 -12.23
C SER A 52 -6.45 -1.27 -13.72
N PRO A 53 -7.54 -1.90 -14.05
CA PRO A 53 -8.02 -1.93 -15.45
C PRO A 53 -8.60 -0.56 -15.84
N SER A 54 -9.12 -0.44 -17.03
CA SER A 54 -9.70 0.86 -17.46
C SER A 54 -11.11 0.65 -18.02
N GLN A 55 -11.95 -0.02 -17.28
CA GLN A 55 -13.34 -0.27 -17.76
C GLN A 55 -14.31 0.68 -17.07
N ASP A 6 -9.55 6.18 -19.33
CA ASP A 6 -9.24 7.46 -20.03
C ASP A 6 -7.88 8.00 -19.56
N SER A 7 -7.65 9.28 -19.71
CA SER A 7 -6.34 9.86 -19.28
C SER A 7 -6.50 10.55 -17.92
N PHE A 8 -6.60 9.80 -16.87
CA PHE A 8 -6.75 10.42 -15.52
C PHE A 8 -5.47 10.24 -14.70
N TRP A 9 -5.27 9.08 -14.15
CA TRP A 9 -4.04 8.84 -13.34
C TRP A 9 -2.79 8.99 -14.22
N ASN A 10 -2.07 10.07 -14.08
CA ASN A 10 -0.85 10.27 -14.91
C ASN A 10 0.28 9.39 -14.37
N PRO A 11 0.67 8.42 -15.16
CA PRO A 11 1.76 7.50 -14.76
C PRO A 11 3.12 8.22 -14.81
N ASN A 12 3.23 9.25 -15.61
CA ASN A 12 4.52 9.99 -15.70
C ASN A 12 4.56 11.11 -14.65
N ALA A 13 4.37 10.78 -13.40
CA ALA A 13 4.40 11.82 -12.34
C ALA A 13 4.85 11.22 -11.01
N PHE A 14 4.48 11.83 -9.91
CA PHE A 14 4.87 11.28 -8.59
C PHE A 14 4.48 9.80 -8.48
N GLU A 15 5.43 8.95 -8.22
CA GLU A 15 5.11 7.50 -8.10
C GLU A 15 4.26 7.23 -6.85
N THR A 16 3.54 6.14 -6.82
CA THR A 16 2.70 5.85 -5.63
C THR A 16 3.47 4.97 -4.63
N ASP A 17 2.77 4.37 -3.70
CA ASP A 17 3.47 3.52 -2.70
C ASP A 17 4.16 2.33 -3.40
N SER A 18 4.50 1.31 -2.67
CA SER A 18 5.18 0.14 -3.29
C SER A 18 4.46 -0.26 -4.57
N ASP A 19 3.37 -0.98 -4.46
CA ASP A 19 2.63 -1.40 -5.68
C ASP A 19 1.12 -1.31 -5.44
N LEU A 20 0.66 -0.22 -4.88
CA LEU A 20 -0.80 -0.06 -4.62
C LEU A 20 -1.42 0.82 -5.70
N PRO A 21 -2.72 0.85 -5.72
CA PRO A 21 -3.44 1.68 -6.72
C PRO A 21 -3.22 3.16 -6.44
N ALA A 22 -4.06 4.01 -6.94
CA ALA A 22 -3.87 5.48 -6.70
C ALA A 22 -4.59 5.92 -5.44
N GLY A 23 -3.91 6.61 -4.57
CA GLY A 23 -4.55 7.09 -3.31
C GLY A 23 -4.38 6.06 -2.20
N TRP A 24 -4.10 4.83 -2.53
CA TRP A 24 -3.93 3.80 -1.47
C TRP A 24 -2.47 3.75 -1.00
N MET A 25 -2.25 3.68 0.28
CA MET A 25 -0.85 3.64 0.80
C MET A 25 -0.59 2.35 1.56
N ARG A 26 0.66 2.05 1.79
CA ARG A 26 1.01 0.82 2.56
C ARG A 26 1.79 1.20 3.81
N VAL A 27 1.17 1.11 4.96
CA VAL A 27 1.90 1.49 6.21
C VAL A 27 2.28 0.24 7.01
N GLN A 28 3.24 0.37 7.87
CA GLN A 28 3.68 -0.79 8.70
C GLN A 28 3.51 -0.48 10.18
N ASP A 29 2.32 -0.64 10.71
CA ASP A 29 2.12 -0.35 12.16
C ASP A 29 2.66 -1.50 13.01
N THR A 30 2.88 -1.25 14.28
CA THR A 30 3.41 -2.33 15.16
C THR A 30 2.51 -3.56 15.09
N SER A 31 1.28 -3.38 14.67
CA SER A 31 0.35 -4.55 14.59
C SER A 31 0.57 -5.30 13.27
N GLY A 32 0.93 -4.60 12.24
CA GLY A 32 1.16 -5.28 10.92
C GLY A 32 1.11 -4.24 9.79
N THR A 33 1.44 -4.63 8.60
CA THR A 33 1.41 -3.66 7.46
C THR A 33 0.02 -3.63 6.83
N TYR A 34 -0.67 -2.52 6.93
CA TYR A 34 -2.03 -2.44 6.33
C TYR A 34 -2.06 -1.42 5.19
N TYR A 35 -3.21 -0.89 4.89
CA TYR A 35 -3.31 0.11 3.78
C TYR A 35 -4.09 1.34 4.24
N TRP A 36 -3.73 2.50 3.75
CA TRP A 36 -4.45 3.73 4.17
C TRP A 36 -5.13 4.39 2.95
N HIS A 37 -6.42 4.56 3.00
CA HIS A 37 -7.14 5.20 1.85
C HIS A 37 -7.07 6.72 1.97
N ILE A 38 -6.15 7.33 1.26
CA ILE A 38 -6.00 8.81 1.32
C ILE A 38 -7.20 9.54 0.68
N PRO A 39 -7.53 9.16 -0.53
CA PRO A 39 -8.67 9.82 -1.23
C PRO A 39 -10.00 9.52 -0.53
N THR A 40 -10.00 8.63 0.42
CA THR A 40 -11.27 8.31 1.12
C THR A 40 -11.15 8.61 2.62
N GLY A 41 -10.37 7.84 3.32
CA GLY A 41 -10.20 8.07 4.78
C GLY A 41 -10.35 6.74 5.52
N THR A 42 -10.79 5.73 4.84
CA THR A 42 -10.96 4.40 5.50
C THR A 42 -9.64 3.63 5.47
N THR A 43 -9.54 2.58 6.24
CA THR A 43 -8.29 1.77 6.25
C THR A 43 -8.59 0.32 5.86
N GLN A 44 -7.60 -0.40 5.42
CA GLN A 44 -7.83 -1.82 5.02
C GLN A 44 -6.63 -2.69 5.44
N TRP A 45 -6.51 -3.85 4.86
CA TRP A 45 -5.37 -4.74 5.22
C TRP A 45 -4.82 -5.43 3.96
N GLU A 46 -5.68 -5.81 3.05
CA GLU A 46 -5.22 -6.48 1.81
C GLU A 46 -5.05 -5.45 0.69
N PRO A 47 -4.36 -5.86 -0.34
CA PRO A 47 -4.11 -4.98 -1.50
C PRO A 47 -5.40 -4.80 -2.32
N PRO A 48 -5.85 -3.59 -2.41
CA PRO A 48 -7.09 -3.29 -3.16
C PRO A 48 -6.83 -3.39 -4.67
N GLY A 49 -5.69 -2.97 -5.13
CA GLY A 49 -5.37 -3.04 -6.58
C GLY A 49 -4.87 -4.45 -6.92
N ARG A 50 -5.34 -5.01 -8.00
CA ARG A 50 -4.87 -6.38 -8.38
C ARG A 50 -3.36 -6.38 -8.61
N ALA A 51 -2.68 -7.42 -8.19
CA ALA A 51 -1.20 -7.48 -8.38
C ALA A 51 -0.72 -8.93 -8.33
N SER A 52 0.56 -9.14 -8.46
CA SER A 52 1.10 -10.52 -8.42
C SER A 52 0.47 -11.38 -9.53
N PRO A 53 1.21 -12.34 -9.98
CA PRO A 53 0.72 -13.24 -11.05
C PRO A 53 -0.34 -14.20 -10.50
N SER A 54 -1.12 -14.79 -11.36
CA SER A 54 -2.17 -15.74 -10.88
C SER A 54 -2.87 -15.16 -9.65
N GLN A 55 -3.41 -13.99 -9.76
CA GLN A 55 -4.12 -13.37 -8.59
C GLN A 55 -5.58 -13.13 -8.93
N ASP A 6 11.40 -13.49 4.74
CA ASP A 6 10.41 -14.18 3.86
C ASP A 6 11.13 -14.89 2.71
N SER A 7 12.37 -14.58 2.50
CA SER A 7 13.12 -15.23 1.39
C SER A 7 14.63 -15.00 1.56
N PHE A 8 15.43 -16.00 1.30
CA PHE A 8 16.90 -15.84 1.46
C PHE A 8 17.49 -15.11 0.24
N TRP A 9 16.67 -14.78 -0.71
CA TRP A 9 17.17 -14.07 -1.92
C TRP A 9 18.00 -12.85 -1.51
N ASN A 10 17.36 -11.85 -0.95
CA ASN A 10 18.10 -10.63 -0.53
C ASN A 10 18.10 -10.51 0.99
N PRO A 11 18.96 -9.67 1.48
CA PRO A 11 19.07 -9.44 2.95
C PRO A 11 17.86 -8.66 3.46
N ASN A 12 17.26 -7.87 2.62
CA ASN A 12 16.08 -7.08 3.05
C ASN A 12 15.53 -6.25 1.89
N ALA A 13 16.37 -5.53 1.22
CA ALA A 13 15.91 -4.70 0.06
C ALA A 13 14.72 -3.84 0.49
N PHE A 14 14.84 -3.11 1.57
CA PHE A 14 13.73 -2.25 2.04
C PHE A 14 13.31 -1.25 0.95
N GLU A 15 12.42 -1.66 0.08
CA GLU A 15 11.98 -0.73 -1.01
C GLU A 15 10.70 0.00 -0.58
N THR A 16 9.96 0.50 -1.54
CA THR A 16 8.71 1.23 -1.20
C THR A 16 7.51 0.28 -1.25
N ASP A 17 6.32 0.80 -1.32
CA ASP A 17 5.11 -0.07 -1.37
C ASP A 17 5.16 -0.97 -2.61
N SER A 18 4.27 -1.92 -2.71
CA SER A 18 4.26 -2.82 -3.89
C SER A 18 3.49 -2.18 -5.04
N ASP A 19 3.73 -0.93 -5.30
CA ASP A 19 3.01 -0.23 -6.41
C ASP A 19 1.50 -0.33 -6.20
N LEU A 20 0.99 0.30 -5.18
CA LEU A 20 -0.47 0.25 -4.93
C LEU A 20 -1.21 1.07 -5.99
N PRO A 21 -2.51 0.97 -5.97
CA PRO A 21 -3.34 1.72 -6.95
C PRO A 21 -3.29 3.22 -6.64
N ALA A 22 -4.18 3.98 -7.22
CA ALA A 22 -4.17 5.46 -6.96
C ALA A 22 -5.07 5.80 -5.78
N GLY A 23 -4.51 6.32 -4.72
CA GLY A 23 -5.34 6.68 -3.54
C GLY A 23 -5.12 5.66 -2.42
N TRP A 24 -4.26 4.70 -2.63
CA TRP A 24 -4.02 3.68 -1.57
C TRP A 24 -2.54 3.69 -1.15
N MET A 25 -2.28 3.59 0.12
CA MET A 25 -0.87 3.60 0.60
C MET A 25 -0.56 2.30 1.37
N ARG A 26 0.69 2.04 1.64
CA ARG A 26 1.04 0.82 2.39
C ARG A 26 1.80 1.21 3.67
N VAL A 27 1.19 1.02 4.81
CA VAL A 27 1.87 1.40 6.08
C VAL A 27 2.16 0.14 6.92
N GLN A 28 3.10 0.25 7.82
CA GLN A 28 3.43 -0.92 8.70
C GLN A 28 3.22 -0.56 10.16
N ASP A 29 2.01 -0.57 10.63
CA ASP A 29 1.74 -0.21 12.05
C ASP A 29 2.26 -1.32 12.98
N THR A 30 2.43 -1.02 14.24
CA THR A 30 2.92 -2.06 15.18
C THR A 30 2.03 -3.30 15.10
N SER A 31 0.82 -3.14 14.65
CA SER A 31 -0.10 -4.32 14.55
C SER A 31 0.20 -5.10 13.28
N GLY A 32 0.59 -4.44 12.23
CA GLY A 32 0.90 -5.16 10.97
C GLY A 32 0.93 -4.17 9.80
N THR A 33 1.01 -4.66 8.60
CA THR A 33 1.04 -3.75 7.41
C THR A 33 -0.37 -3.62 6.81
N TYR A 34 -0.95 -2.46 6.88
CA TYR A 34 -2.31 -2.29 6.31
C TYR A 34 -2.28 -1.33 5.11
N TYR A 35 -3.41 -0.79 4.75
CA TYR A 35 -3.45 0.14 3.60
C TYR A 35 -4.22 1.41 3.97
N TRP A 36 -3.59 2.55 3.86
CA TRP A 36 -4.28 3.83 4.21
C TRP A 36 -4.95 4.42 2.98
N HIS A 37 -6.20 4.79 3.09
CA HIS A 37 -6.90 5.37 1.92
C HIS A 37 -6.71 6.89 1.90
N ILE A 38 -5.89 7.38 1.01
CA ILE A 38 -5.63 8.86 0.94
C ILE A 38 -6.90 9.67 0.67
N PRO A 39 -7.75 9.18 -0.21
CA PRO A 39 -8.99 9.92 -0.55
C PRO A 39 -10.01 9.90 0.58
N THR A 40 -10.52 8.75 0.92
CA THR A 40 -11.54 8.69 2.01
C THR A 40 -10.87 8.58 3.38
N GLY A 41 -9.76 7.89 3.46
CA GLY A 41 -9.07 7.75 4.78
C GLY A 41 -9.38 6.38 5.38
N THR A 42 -10.15 5.58 4.69
CA THR A 42 -10.49 4.23 5.24
C THR A 42 -9.22 3.38 5.32
N THR A 43 -9.19 2.44 6.22
CA THR A 43 -7.98 1.58 6.34
C THR A 43 -8.36 0.10 6.09
N GLN A 44 -7.43 -0.68 5.64
CA GLN A 44 -7.74 -2.12 5.37
C GLN A 44 -6.56 -3.01 5.76
N TRP A 45 -6.28 -4.01 4.98
CA TRP A 45 -5.14 -4.91 5.30
C TRP A 45 -4.56 -5.51 4.03
N GLU A 46 -5.40 -6.02 3.18
CA GLU A 46 -4.91 -6.63 1.90
C GLU A 46 -4.78 -5.54 0.83
N PRO A 47 -4.06 -5.89 -0.21
CA PRO A 47 -3.84 -4.92 -1.32
C PRO A 47 -5.12 -4.78 -2.17
N PRO A 48 -5.54 -3.56 -2.33
CA PRO A 48 -6.76 -3.28 -3.12
C PRO A 48 -6.49 -3.46 -4.61
N GLY A 49 -6.62 -4.66 -5.11
CA GLY A 49 -6.37 -4.90 -6.56
C GLY A 49 -7.51 -5.72 -7.15
N ARG A 50 -8.57 -5.09 -7.55
CA ARG A 50 -9.72 -5.84 -8.14
C ARG A 50 -9.82 -5.56 -9.63
N ALA A 51 -10.13 -6.55 -10.42
CA ALA A 51 -10.25 -6.34 -11.90
C ALA A 51 -8.93 -5.80 -12.46
N SER A 52 -8.18 -6.64 -13.12
CA SER A 52 -6.87 -6.19 -13.70
C SER A 52 -7.11 -5.46 -15.02
N PRO A 53 -6.30 -4.46 -15.25
CA PRO A 53 -6.41 -3.67 -16.50
C PRO A 53 -5.91 -4.48 -17.70
N SER A 54 -5.04 -5.42 -17.48
CA SER A 54 -4.52 -6.25 -18.61
C SER A 54 -4.96 -7.71 -18.44
N GLN A 55 -4.33 -8.60 -19.15
CA GLN A 55 -4.71 -10.04 -19.04
C GLN A 55 -3.75 -10.77 -18.09
N ASP A 6 19.94 -10.93 -11.89
CA ASP A 6 18.52 -10.66 -11.49
C ASP A 6 18.18 -9.20 -11.75
N SER A 7 16.93 -8.84 -11.61
CA SER A 7 16.52 -7.43 -11.85
C SER A 7 15.28 -7.08 -11.00
N PHE A 8 15.49 -6.70 -9.78
CA PHE A 8 14.33 -6.36 -8.91
C PHE A 8 14.76 -5.35 -7.83
N TRP A 9 15.83 -5.63 -7.14
CA TRP A 9 16.30 -4.71 -6.07
C TRP A 9 16.33 -3.27 -6.60
N ASN A 10 15.53 -2.41 -6.04
CA ASN A 10 15.52 -0.99 -6.50
C ASN A 10 16.03 -0.07 -5.39
N PRO A 11 17.33 0.02 -5.29
CA PRO A 11 17.97 0.87 -4.25
C PRO A 11 17.81 2.35 -4.62
N ASN A 12 17.72 2.64 -5.88
CA ASN A 12 17.56 4.07 -6.30
C ASN A 12 16.22 4.62 -5.81
N ALA A 13 15.27 3.76 -5.58
CA ALA A 13 13.93 4.22 -5.10
C ALA A 13 13.69 3.73 -3.68
N PHE A 14 13.67 4.62 -2.71
CA PHE A 14 13.44 4.20 -1.31
C PHE A 14 12.09 4.74 -0.80
N GLU A 15 11.06 4.60 -1.59
CA GLU A 15 9.72 5.11 -1.16
C GLU A 15 8.81 3.93 -0.78
N THR A 16 7.56 4.21 -0.49
CA THR A 16 6.63 3.11 -0.11
C THR A 16 5.66 2.81 -1.26
N ASP A 17 4.57 2.17 -0.97
CA ASP A 17 3.59 1.86 -2.05
C ASP A 17 4.28 1.14 -3.21
N SER A 18 4.30 -0.17 -3.18
CA SER A 18 4.97 -0.93 -4.29
C SER A 18 4.12 -0.87 -5.55
N ASP A 19 3.08 -1.66 -5.61
CA ASP A 19 2.21 -1.67 -6.82
C ASP A 19 0.75 -1.45 -6.43
N LEU A 20 0.48 -0.47 -5.61
CA LEU A 20 -0.93 -0.21 -5.20
C LEU A 20 -1.60 0.74 -6.19
N PRO A 21 -2.90 0.85 -6.07
CA PRO A 21 -3.68 1.74 -6.96
C PRO A 21 -3.38 3.20 -6.62
N ALA A 22 -4.22 4.11 -7.05
CA ALA A 22 -3.98 5.55 -6.75
C ALA A 22 -4.79 5.98 -5.53
N GLY A 23 -4.14 6.41 -4.49
CA GLY A 23 -4.87 6.85 -3.27
C GLY A 23 -4.74 5.80 -2.17
N TRP A 24 -3.94 4.80 -2.38
CA TRP A 24 -3.78 3.75 -1.34
C TRP A 24 -2.32 3.70 -0.89
N MET A 25 -2.08 3.85 0.38
CA MET A 25 -0.67 3.84 0.87
C MET A 25 -0.37 2.55 1.63
N ARG A 26 0.88 2.34 1.92
CA ARG A 26 1.29 1.12 2.68
C ARG A 26 2.00 1.53 3.97
N VAL A 27 1.38 1.30 5.10
CA VAL A 27 2.03 1.68 6.39
C VAL A 27 2.46 0.44 7.17
N GLN A 28 3.37 0.59 8.08
CA GLN A 28 3.83 -0.58 8.88
C GLN A 28 3.58 -0.32 10.37
N ASP A 29 2.48 -0.77 10.88
CA ASP A 29 2.19 -0.56 12.33
C ASP A 29 2.52 -1.81 13.13
N THR A 30 2.58 -1.70 14.43
CA THR A 30 2.91 -2.89 15.27
C THR A 30 2.04 -4.08 14.86
N SER A 31 0.75 -3.88 14.77
CA SER A 31 -0.15 -5.00 14.37
C SER A 31 0.32 -5.61 13.06
N GLY A 32 0.83 -4.82 12.17
CA GLY A 32 1.31 -5.36 10.86
C GLY A 32 1.29 -4.25 9.81
N THR A 33 1.69 -4.55 8.61
CA THR A 33 1.69 -3.52 7.53
C THR A 33 0.32 -3.47 6.85
N TYR A 34 -0.38 -2.38 6.98
CA TYR A 34 -1.72 -2.28 6.34
C TYR A 34 -1.71 -1.20 5.25
N TYR A 35 -2.84 -0.64 4.93
CA TYR A 35 -2.89 0.40 3.86
C TYR A 35 -3.76 1.57 4.30
N TRP A 36 -3.50 2.75 3.80
CA TRP A 36 -4.31 3.93 4.19
C TRP A 36 -5.01 4.53 2.96
N HIS A 37 -6.31 4.58 2.97
CA HIS A 37 -7.05 5.16 1.82
C HIS A 37 -7.02 6.69 1.88
N ILE A 38 -6.07 7.29 1.23
CA ILE A 38 -5.94 8.78 1.23
C ILE A 38 -7.16 9.46 0.60
N PRO A 39 -7.68 8.91 -0.47
CA PRO A 39 -8.83 9.52 -1.17
C PRO A 39 -10.13 9.36 -0.37
N THR A 40 -10.41 8.20 0.15
CA THR A 40 -11.67 8.02 0.93
C THR A 40 -11.45 8.41 2.39
N GLY A 41 -10.49 7.83 3.04
CA GLY A 41 -10.24 8.18 4.47
C GLY A 41 -10.31 6.90 5.32
N THR A 42 -10.77 5.83 4.75
CA THR A 42 -10.86 4.56 5.52
C THR A 42 -9.54 3.80 5.44
N THR A 43 -9.40 2.76 6.21
CA THR A 43 -8.14 1.97 6.19
C THR A 43 -8.44 0.51 5.81
N GLN A 44 -7.43 -0.27 5.57
CA GLN A 44 -7.66 -1.70 5.20
C GLN A 44 -6.41 -2.53 5.48
N TRP A 45 -6.43 -3.80 5.17
CA TRP A 45 -5.24 -4.65 5.42
C TRP A 45 -4.98 -5.55 4.21
N GLU A 46 -5.76 -5.42 3.17
CA GLU A 46 -5.55 -6.27 1.97
C GLU A 46 -5.24 -5.39 0.75
N PRO A 47 -4.66 -6.00 -0.25
CA PRO A 47 -4.30 -5.27 -1.49
C PRO A 47 -5.57 -4.95 -2.30
N PRO A 48 -5.91 -3.70 -2.34
CA PRO A 48 -7.11 -3.26 -3.09
C PRO A 48 -6.86 -3.35 -4.59
N GLY A 49 -7.78 -2.87 -5.39
CA GLY A 49 -7.60 -2.92 -6.87
C GLY A 49 -8.45 -1.84 -7.53
N ARG A 50 -9.21 -2.20 -8.53
CA ARG A 50 -10.06 -1.20 -9.22
C ARG A 50 -11.24 -0.80 -8.32
N ALA A 51 -12.03 0.15 -8.76
CA ALA A 51 -13.19 0.58 -7.92
C ALA A 51 -14.41 0.84 -8.82
N SER A 52 -15.41 0.00 -8.74
CA SER A 52 -16.62 0.20 -9.59
C SER A 52 -17.78 0.72 -8.74
N PRO A 53 -18.14 1.96 -8.97
CA PRO A 53 -19.25 2.57 -8.22
C PRO A 53 -20.59 2.00 -8.67
N SER A 54 -21.29 1.34 -7.79
CA SER A 54 -22.61 0.75 -8.18
C SER A 54 -23.34 0.23 -6.93
N GLN A 55 -24.56 -0.21 -7.09
CA GLN A 55 -25.31 -0.74 -5.92
C GLN A 55 -25.30 0.29 -4.78
N ASP A 6 24.37 7.45 -7.76
CA ASP A 6 23.22 6.50 -7.88
C ASP A 6 21.96 7.26 -8.30
N SER A 7 21.98 8.56 -8.25
CA SER A 7 20.78 9.35 -8.66
C SER A 7 21.01 10.83 -8.38
N PHE A 8 19.97 11.63 -8.51
CA PHE A 8 20.13 13.09 -8.24
C PHE A 8 19.54 13.44 -6.88
N TRP A 9 19.98 12.77 -5.85
CA TRP A 9 19.45 13.08 -4.48
C TRP A 9 17.95 12.79 -4.42
N ASN A 10 17.58 11.57 -4.10
CA ASN A 10 16.12 11.24 -4.04
C ASN A 10 15.36 12.33 -3.28
N PRO A 11 14.08 12.33 -3.46
CA PRO A 11 13.21 13.33 -2.79
C PRO A 11 13.09 13.01 -1.30
N ASN A 12 13.25 11.77 -0.93
CA ASN A 12 13.14 11.39 0.50
C ASN A 12 13.81 10.04 0.75
N ALA A 13 13.64 9.11 -0.16
CA ALA A 13 14.27 7.77 0.01
C ALA A 13 13.80 6.82 -1.09
N PHE A 14 13.99 5.54 -0.90
CA PHE A 14 13.56 4.56 -1.94
C PHE A 14 12.03 4.55 -2.04
N GLU A 15 11.51 4.48 -3.24
CA GLU A 15 10.02 4.47 -3.41
C GLU A 15 9.37 3.59 -2.34
N THR A 16 8.20 3.94 -1.90
CA THR A 16 7.51 3.13 -0.86
C THR A 16 6.57 2.11 -1.51
N ASP A 17 5.65 1.58 -0.75
CA ASP A 17 4.67 0.60 -1.29
C ASP A 17 5.30 -0.26 -2.38
N SER A 18 4.51 -0.76 -3.28
CA SER A 18 5.05 -1.61 -4.38
C SER A 18 4.31 -1.35 -5.69
N ASP A 19 3.01 -1.48 -5.66
CA ASP A 19 2.22 -1.24 -6.89
C ASP A 19 0.73 -1.07 -6.55
N LEU A 20 0.43 -0.30 -5.55
CA LEU A 20 -0.99 -0.10 -5.16
C LEU A 20 -1.70 0.78 -6.20
N PRO A 21 -3.00 0.81 -6.10
CA PRO A 21 -3.82 1.63 -7.04
C PRO A 21 -3.60 3.12 -6.78
N ALA A 22 -4.50 3.95 -7.25
CA ALA A 22 -4.34 5.42 -7.03
C ALA A 22 -5.13 5.85 -5.79
N GLY A 23 -4.48 6.48 -4.85
CA GLY A 23 -5.18 6.94 -3.62
C GLY A 23 -5.00 5.92 -2.49
N TRP A 24 -4.15 4.94 -2.70
CA TRP A 24 -3.95 3.92 -1.64
C TRP A 24 -2.47 3.90 -1.21
N MET A 25 -2.21 3.83 0.06
CA MET A 25 -0.79 3.82 0.54
C MET A 25 -0.52 2.55 1.34
N ARG A 26 0.73 2.28 1.61
CA ARG A 26 1.08 1.06 2.40
C ARG A 26 1.81 1.46 3.67
N VAL A 27 1.20 1.26 4.82
CA VAL A 27 1.88 1.64 6.10
C VAL A 27 2.20 0.39 6.92
N GLN A 28 3.08 0.52 7.86
CA GLN A 28 3.44 -0.65 8.72
C GLN A 28 3.16 -0.33 10.19
N ASP A 29 2.00 -0.70 10.67
CA ASP A 29 1.66 -0.41 12.09
C ASP A 29 2.06 -1.60 12.97
N THR A 30 2.00 -1.45 14.27
CA THR A 30 2.37 -2.56 15.18
C THR A 30 1.47 -3.77 14.94
N SER A 31 0.24 -3.54 14.55
CA SER A 31 -0.68 -4.68 14.31
C SER A 31 -0.34 -5.36 12.99
N GLY A 32 0.31 -4.66 12.10
CA GLY A 32 0.67 -5.27 10.79
C GLY A 32 0.68 -4.19 9.71
N THR A 33 1.11 -4.51 8.52
CA THR A 33 1.16 -3.50 7.43
C THR A 33 -0.22 -3.40 6.76
N TYR A 34 -0.85 -2.26 6.83
CA TYR A 34 -2.18 -2.11 6.19
C TYR A 34 -2.12 -1.12 5.04
N TYR A 35 -3.23 -0.56 4.65
CA TYR A 35 -3.24 0.42 3.53
C TYR A 35 -4.03 1.67 3.92
N TRP A 36 -3.44 2.82 3.80
CA TRP A 36 -4.16 4.07 4.16
C TRP A 36 -4.85 4.66 2.94
N HIS A 37 -6.12 4.94 3.04
CA HIS A 37 -6.85 5.51 1.87
C HIS A 37 -6.76 7.05 1.91
N ILE A 38 -6.03 7.61 0.98
CA ILE A 38 -5.85 9.10 0.94
C ILE A 38 -7.15 9.85 0.58
N PRO A 39 -7.93 9.30 -0.31
CA PRO A 39 -9.18 9.99 -0.74
C PRO A 39 -10.25 9.97 0.36
N THR A 40 -10.33 8.91 1.11
CA THR A 40 -11.36 8.85 2.19
C THR A 40 -10.69 8.75 3.56
N GLY A 41 -9.68 7.93 3.67
CA GLY A 41 -8.99 7.79 4.98
C GLY A 41 -9.23 6.38 5.54
N THR A 42 -10.02 5.59 4.87
CA THR A 42 -10.30 4.21 5.37
C THR A 42 -9.02 3.37 5.33
N THR A 43 -8.92 2.40 6.19
CA THR A 43 -7.70 1.54 6.20
C THR A 43 -8.10 0.09 5.87
N GLN A 44 -7.13 -0.77 5.67
CA GLN A 44 -7.46 -2.19 5.34
C GLN A 44 -6.36 -3.13 5.86
N TRP A 45 -6.13 -4.21 5.17
CA TRP A 45 -5.07 -5.17 5.63
C TRP A 45 -4.43 -5.85 4.41
N GLU A 46 -5.20 -6.16 3.41
CA GLU A 46 -4.65 -6.83 2.20
C GLU A 46 -4.46 -5.80 1.08
N PRO A 47 -3.73 -6.19 0.07
CA PRO A 47 -3.47 -5.30 -1.08
C PRO A 47 -4.73 -5.17 -1.93
N PRO A 48 -5.20 -3.95 -2.05
CA PRO A 48 -6.42 -3.68 -2.85
C PRO A 48 -6.11 -3.78 -4.35
N GLY A 49 -7.04 -4.24 -5.13
CA GLY A 49 -6.81 -4.37 -6.59
C GLY A 49 -8.06 -3.92 -7.36
N ARG A 50 -7.89 -3.11 -8.35
CA ARG A 50 -9.08 -2.64 -9.14
C ARG A 50 -9.11 -3.34 -10.49
N ALA A 51 -9.59 -4.55 -10.55
CA ALA A 51 -9.65 -5.28 -11.84
C ALA A 51 -10.26 -4.39 -12.93
N SER A 52 -10.23 -4.83 -14.15
CA SER A 52 -10.82 -4.01 -15.25
C SER A 52 -10.30 -2.57 -15.17
N PRO A 53 -9.06 -2.40 -15.55
CA PRO A 53 -8.44 -1.05 -15.52
C PRO A 53 -8.99 -0.19 -16.64
N SER A 54 -9.84 0.75 -16.32
CA SER A 54 -10.42 1.64 -17.37
C SER A 54 -11.15 0.80 -18.43
N GLN A 55 -11.65 -0.34 -18.04
CA GLN A 55 -12.38 -1.21 -19.02
C GLN A 55 -13.04 -2.38 -18.29
N ASP A 6 0.31 -21.23 4.59
CA ASP A 6 1.37 -22.25 4.38
C ASP A 6 1.08 -23.08 3.13
N SER A 7 2.00 -23.14 2.22
CA SER A 7 1.77 -23.92 0.97
C SER A 7 0.48 -23.47 0.29
N PHE A 8 0.09 -22.24 0.49
CA PHE A 8 -1.16 -21.74 -0.14
C PHE A 8 -1.18 -22.09 -1.63
N TRP A 9 -0.06 -21.96 -2.30
CA TRP A 9 -0.02 -22.29 -3.75
C TRP A 9 1.36 -21.95 -4.33
N ASN A 10 1.85 -20.77 -4.05
CA ASN A 10 3.18 -20.38 -4.58
C ASN A 10 4.14 -20.05 -3.43
N PRO A 11 5.13 -20.89 -3.26
CA PRO A 11 6.12 -20.68 -2.18
C PRO A 11 7.04 -19.50 -2.51
N ASN A 12 7.19 -19.18 -3.76
CA ASN A 12 8.07 -18.04 -4.14
C ASN A 12 7.23 -16.80 -4.47
N ALA A 13 6.21 -16.54 -3.70
CA ALA A 13 5.35 -15.35 -3.97
C ALA A 13 4.91 -14.71 -2.65
N PHE A 14 5.83 -14.51 -1.73
CA PHE A 14 5.45 -13.88 -0.43
C PHE A 14 5.87 -12.41 -0.41
N GLU A 15 5.57 -11.67 -1.44
CA GLU A 15 5.94 -10.24 -1.47
C GLU A 15 4.69 -9.36 -1.33
N THR A 16 4.85 -8.17 -0.85
CA THR A 16 3.67 -7.26 -0.68
C THR A 16 3.29 -6.63 -2.02
N ASP A 17 2.39 -5.69 -2.01
CA ASP A 17 1.99 -5.03 -3.29
C ASP A 17 3.15 -4.21 -3.86
N SER A 18 3.70 -4.64 -4.95
CA SER A 18 4.84 -3.90 -5.57
C SER A 18 4.35 -2.55 -6.10
N ASP A 19 3.07 -2.31 -6.08
CA ASP A 19 2.53 -1.02 -6.59
C ASP A 19 1.04 -0.90 -6.30
N LEU A 20 0.67 -0.24 -5.23
CA LEU A 20 -0.77 -0.10 -4.89
C LEU A 20 -1.48 0.75 -5.95
N PRO A 21 -2.78 0.77 -5.88
CA PRO A 21 -3.58 1.56 -6.85
C PRO A 21 -3.40 3.05 -6.60
N ALA A 22 -4.29 3.86 -7.13
CA ALA A 22 -4.16 5.34 -6.94
C ALA A 22 -4.95 5.79 -5.71
N GLY A 23 -4.31 6.47 -4.80
CA GLY A 23 -5.02 6.95 -3.58
C GLY A 23 -4.86 5.94 -2.44
N TRP A 24 -4.01 4.97 -2.61
CA TRP A 24 -3.81 3.97 -1.52
C TRP A 24 -2.34 3.97 -1.08
N MET A 25 -2.11 3.88 0.21
CA MET A 25 -0.70 3.90 0.70
C MET A 25 -0.38 2.61 1.46
N ARG A 26 0.88 2.39 1.75
CA ARG A 26 1.26 1.16 2.50
C ARG A 26 1.95 1.56 3.81
N VAL A 27 1.32 1.33 4.92
CA VAL A 27 1.94 1.71 6.22
C VAL A 27 2.31 0.47 7.04
N GLN A 28 3.09 0.66 8.07
CA GLN A 28 3.50 -0.49 8.93
C GLN A 28 3.05 -0.25 10.37
N ASP A 29 1.81 -0.54 10.67
CA ASP A 29 1.31 -0.30 12.06
C ASP A 29 1.88 -1.35 13.02
N THR A 30 1.59 -1.23 14.28
CA THR A 30 2.11 -2.22 15.27
C THR A 30 1.55 -3.61 14.97
N SER A 31 0.43 -3.68 14.30
CA SER A 31 -0.17 -5.00 13.98
C SER A 31 0.48 -5.59 12.72
N GLY A 32 0.93 -4.75 11.83
CA GLY A 32 1.58 -5.26 10.58
C GLY A 32 1.53 -4.18 9.51
N THR A 33 1.76 -4.54 8.28
CA THR A 33 1.73 -3.53 7.19
C THR A 33 0.34 -3.52 6.53
N TYR A 34 -0.39 -2.44 6.66
CA TYR A 34 -1.74 -2.38 6.04
C TYR A 34 -1.76 -1.31 4.94
N TYR A 35 -2.92 -0.80 4.64
CA TYR A 35 -3.00 0.24 3.57
C TYR A 35 -3.79 1.46 4.07
N TRP A 36 -3.35 2.64 3.73
CA TRP A 36 -4.06 3.87 4.19
C TRP A 36 -4.74 4.55 3.00
N HIS A 37 -6.04 4.66 3.02
CA HIS A 37 -6.77 5.30 1.91
C HIS A 37 -6.69 6.83 2.02
N ILE A 38 -5.97 7.45 1.13
CA ILE A 38 -5.82 8.93 1.16
C ILE A 38 -7.14 9.64 0.81
N PRO A 39 -7.87 9.12 -0.14
CA PRO A 39 -9.14 9.76 -0.57
C PRO A 39 -10.27 9.53 0.45
N THR A 40 -10.55 8.31 0.77
CA THR A 40 -11.65 8.04 1.75
C THR A 40 -11.13 8.09 3.18
N GLY A 41 -9.83 8.06 3.35
CA GLY A 41 -9.26 8.12 4.72
C GLY A 41 -9.56 6.81 5.45
N THR A 42 -10.14 5.85 4.79
CA THR A 42 -10.45 4.56 5.44
C THR A 42 -9.20 3.67 5.49
N THR A 43 -9.18 2.70 6.34
CA THR A 43 -7.99 1.80 6.42
C THR A 43 -8.40 0.35 6.13
N GLN A 44 -7.50 -0.45 5.62
CA GLN A 44 -7.86 -1.86 5.33
C GLN A 44 -6.67 -2.78 5.65
N TRP A 45 -6.75 -4.03 5.29
CA TRP A 45 -5.63 -4.97 5.59
C TRP A 45 -5.34 -5.86 4.38
N GLU A 46 -6.05 -5.67 3.30
CA GLU A 46 -5.80 -6.51 2.09
C GLU A 46 -5.30 -5.65 0.93
N PRO A 47 -4.59 -6.28 0.04
CA PRO A 47 -4.03 -5.58 -1.14
C PRO A 47 -5.14 -5.26 -2.14
N PRO A 48 -5.43 -3.99 -2.27
CA PRO A 48 -6.49 -3.54 -3.21
C PRO A 48 -5.98 -3.65 -4.66
N GLY A 49 -4.79 -3.18 -4.91
CA GLY A 49 -4.24 -3.25 -6.30
C GLY A 49 -5.30 -2.74 -7.29
N ARG A 50 -5.17 -3.12 -8.54
CA ARG A 50 -6.16 -2.66 -9.56
C ARG A 50 -6.72 -3.86 -10.33
N ALA A 51 -6.06 -4.25 -11.38
CA ALA A 51 -6.57 -5.42 -12.17
C ALA A 51 -6.63 -6.67 -11.28
N SER A 52 -6.67 -7.83 -11.88
CA SER A 52 -6.74 -9.07 -11.07
C SER A 52 -5.45 -9.88 -11.23
N PRO A 53 -5.08 -10.55 -10.17
CA PRO A 53 -3.84 -11.37 -10.18
C PRO A 53 -4.06 -12.64 -11.03
N SER A 54 -3.14 -12.93 -11.91
CA SER A 54 -3.29 -14.14 -12.76
C SER A 54 -2.01 -14.98 -12.72
N GLN A 55 -2.09 -16.23 -13.09
CA GLN A 55 -0.88 -17.09 -13.07
C GLN A 55 0.19 -16.54 -14.01
N ASP A 6 13.05 -14.44 -15.05
CA ASP A 6 12.56 -14.55 -13.65
C ASP A 6 13.50 -13.81 -12.70
N SER A 7 12.96 -13.24 -11.65
CA SER A 7 13.83 -12.51 -10.69
C SER A 7 14.04 -13.34 -9.41
N PHE A 8 14.99 -12.97 -8.60
CA PHE A 8 15.24 -13.74 -7.35
C PHE A 8 14.86 -12.89 -6.12
N TRP A 9 15.57 -13.05 -5.04
CA TRP A 9 15.26 -12.27 -3.82
C TRP A 9 15.03 -10.79 -4.17
N ASN A 10 14.02 -10.19 -3.60
CA ASN A 10 13.75 -8.76 -3.91
C ASN A 10 14.74 -7.86 -3.16
N PRO A 11 15.35 -6.97 -3.89
CA PRO A 11 16.33 -6.03 -3.28
C PRO A 11 15.61 -4.97 -2.44
N ASN A 12 14.42 -4.61 -2.83
CA ASN A 12 13.66 -3.58 -2.06
C ASN A 12 12.91 -4.22 -0.90
N ALA A 13 13.28 -5.42 -0.53
CA ALA A 13 12.58 -6.10 0.61
C ALA A 13 12.34 -5.11 1.76
N PHE A 14 13.16 -4.11 1.86
CA PHE A 14 13.00 -3.10 2.94
C PHE A 14 12.87 -1.70 2.36
N GLU A 15 11.70 -1.34 1.91
CA GLU A 15 11.51 0.02 1.31
C GLU A 15 10.10 0.53 1.59
N THR A 16 9.66 1.51 0.84
CA THR A 16 8.29 2.06 1.06
C THR A 16 7.25 1.21 0.33
N ASP A 17 6.10 1.75 0.07
CA ASP A 17 5.04 0.97 -0.63
C ASP A 17 5.65 0.14 -1.77
N SER A 18 4.94 -0.85 -2.23
CA SER A 18 5.48 -1.70 -3.34
C SER A 18 4.84 -1.30 -4.66
N ASP A 19 3.55 -1.41 -4.76
CA ASP A 19 2.85 -1.04 -6.02
C ASP A 19 1.34 -1.03 -5.81
N LEU A 20 0.83 -0.02 -5.15
CA LEU A 20 -0.64 0.06 -4.92
C LEU A 20 -1.29 0.99 -5.94
N PRO A 21 -2.60 0.98 -5.96
CA PRO A 21 -3.35 1.84 -6.92
C PRO A 21 -3.21 3.31 -6.53
N ALA A 22 -4.02 4.16 -7.11
CA ALA A 22 -3.94 5.61 -6.78
C ALA A 22 -4.80 5.95 -5.56
N GLY A 23 -4.20 6.49 -4.54
CA GLY A 23 -4.97 6.85 -3.32
C GLY A 23 -4.82 5.75 -2.26
N TRP A 24 -4.02 4.76 -2.53
CA TRP A 24 -3.84 3.67 -1.51
C TRP A 24 -2.38 3.60 -1.07
N MET A 25 -2.14 3.57 0.21
CA MET A 25 -0.74 3.52 0.71
C MET A 25 -0.50 2.23 1.51
N ARG A 26 0.73 1.94 1.80
CA ARG A 26 1.06 0.71 2.58
C ARG A 26 1.79 1.11 3.87
N VAL A 27 1.12 1.04 4.99
CA VAL A 27 1.77 1.41 6.27
C VAL A 27 2.07 0.19 7.12
N GLN A 28 3.05 0.29 7.95
CA GLN A 28 3.41 -0.84 8.86
C GLN A 28 3.35 -0.36 10.30
N ASP A 29 2.20 -0.36 10.89
CA ASP A 29 2.08 0.12 12.30
C ASP A 29 2.66 -0.92 13.27
N THR A 30 2.40 -0.78 14.54
CA THR A 30 2.94 -1.74 15.53
C THR A 30 2.05 -2.98 15.61
N SER A 31 1.61 -3.48 14.49
CA SER A 31 0.74 -4.69 14.51
C SER A 31 0.84 -5.44 13.17
N GLY A 32 0.96 -4.71 12.09
CA GLY A 32 1.07 -5.39 10.76
C GLY A 32 1.03 -4.33 9.66
N THR A 33 1.40 -4.71 8.46
CA THR A 33 1.39 -3.72 7.34
C THR A 33 0.00 -3.69 6.69
N TYR A 34 -0.72 -2.61 6.81
CA TYR A 34 -2.07 -2.53 6.19
C TYR A 34 -2.09 -1.50 5.06
N TYR A 35 -3.24 -0.98 4.73
CA TYR A 35 -3.32 0.03 3.64
C TYR A 35 -4.04 1.29 4.12
N TRP A 36 -3.56 2.45 3.75
CA TRP A 36 -4.22 3.71 4.19
C TRP A 36 -4.86 4.41 2.99
N HIS A 37 -6.16 4.50 2.98
CA HIS A 37 -6.86 5.17 1.86
C HIS A 37 -6.75 6.69 2.00
N ILE A 38 -5.96 7.32 1.19
CA ILE A 38 -5.79 8.80 1.26
C ILE A 38 -7.06 9.55 0.83
N PRO A 39 -7.72 9.07 -0.21
CA PRO A 39 -8.94 9.74 -0.71
C PRO A 39 -10.15 9.52 0.19
N THR A 40 -10.43 8.29 0.57
CA THR A 40 -11.61 8.03 1.43
C THR A 40 -11.25 8.21 2.91
N GLY A 41 -10.01 7.99 3.25
CA GLY A 41 -9.59 8.14 4.67
C GLY A 41 -9.74 6.80 5.39
N THR A 42 -10.52 5.91 4.85
CA THR A 42 -10.71 4.58 5.52
C THR A 42 -9.42 3.75 5.41
N THR A 43 -9.36 2.66 6.12
CA THR A 43 -8.15 1.79 6.06
C THR A 43 -8.53 0.39 5.59
N GLN A 44 -7.57 -0.49 5.48
CA GLN A 44 -7.89 -1.88 5.04
C GLN A 44 -6.79 -2.85 5.49
N TRP A 45 -6.73 -4.01 4.89
CA TRP A 45 -5.69 -4.99 5.28
C TRP A 45 -5.07 -5.63 4.03
N GLU A 46 -5.86 -5.87 3.02
CA GLU A 46 -5.32 -6.48 1.78
C GLU A 46 -5.14 -5.42 0.68
N PRO A 47 -4.39 -5.77 -0.32
CA PRO A 47 -4.13 -4.84 -1.44
C PRO A 47 -5.37 -4.73 -2.34
N PRO A 48 -5.91 -3.54 -2.41
CA PRO A 48 -7.11 -3.29 -3.25
C PRO A 48 -6.74 -3.31 -4.73
N GLY A 49 -5.48 -3.48 -5.03
CA GLY A 49 -5.06 -3.52 -6.46
C GLY A 49 -5.09 -4.96 -6.96
N ARG A 50 -4.33 -5.83 -6.35
CA ARG A 50 -4.32 -7.25 -6.79
C ARG A 50 -5.38 -8.05 -6.05
N ALA A 51 -6.53 -8.22 -6.64
CA ALA A 51 -7.62 -8.99 -5.97
C ALA A 51 -7.65 -10.44 -6.49
N SER A 52 -6.59 -11.17 -6.27
CA SER A 52 -6.55 -12.58 -6.75
C SER A 52 -7.15 -12.69 -8.15
N PRO A 53 -6.41 -12.19 -9.10
CA PRO A 53 -6.87 -12.22 -10.52
C PRO A 53 -6.85 -13.65 -11.06
N SER A 54 -7.96 -14.33 -11.02
CA SER A 54 -8.01 -15.73 -11.53
C SER A 54 -9.12 -15.86 -12.57
N GLN A 55 -9.07 -16.90 -13.37
CA GLN A 55 -10.12 -17.09 -14.41
C GLN A 55 -10.35 -18.58 -14.66
N ASP A 6 25.98 21.27 -2.70
CA ASP A 6 24.88 22.25 -2.45
C ASP A 6 23.53 21.55 -2.49
N SER A 7 22.50 22.20 -2.02
CA SER A 7 21.16 21.57 -2.03
C SER A 7 20.88 20.94 -3.40
N PHE A 8 20.03 19.95 -3.45
CA PHE A 8 19.72 19.29 -4.75
C PHE A 8 18.21 19.26 -4.99
N TRP A 9 17.78 19.75 -6.12
CA TRP A 9 16.32 19.75 -6.42
C TRP A 9 15.73 18.35 -6.19
N ASN A 10 14.67 18.26 -5.44
CA ASN A 10 14.05 16.93 -5.19
C ASN A 10 12.59 17.10 -4.77
N PRO A 11 11.75 17.28 -5.75
CA PRO A 11 10.30 17.46 -5.50
C PRO A 11 9.65 16.12 -5.11
N ASN A 12 10.24 15.04 -5.53
CA ASN A 12 9.66 13.71 -5.18
C ASN A 12 10.00 13.34 -3.74
N ALA A 13 11.25 13.38 -3.38
CA ALA A 13 11.64 13.05 -1.98
C ALA A 13 11.11 11.66 -1.60
N PHE A 14 11.41 11.19 -0.42
CA PHE A 14 10.91 9.85 0.01
C PHE A 14 9.39 9.81 -0.02
N GLU A 15 8.81 8.86 -0.70
CA GLU A 15 7.33 8.78 -0.75
C GLU A 15 6.86 7.39 -0.28
N THR A 16 5.60 7.25 -0.01
CA THR A 16 5.08 5.92 0.46
C THR A 16 4.38 5.19 -0.68
N ASP A 17 3.57 4.21 -0.36
CA ASP A 17 2.86 3.46 -1.43
C ASP A 17 3.87 2.86 -2.42
N SER A 18 4.14 1.59 -2.31
CA SER A 18 5.11 0.96 -3.25
C SER A 18 4.44 0.70 -4.60
N ASP A 19 3.64 -0.32 -4.70
CA ASP A 19 2.95 -0.63 -5.98
C ASP A 19 1.44 -0.70 -5.76
N LEU A 20 0.89 0.24 -5.05
CA LEU A 20 -0.58 0.23 -4.80
C LEU A 20 -1.30 1.04 -5.88
N PRO A 21 -2.61 0.93 -5.87
CA PRO A 21 -3.44 1.66 -6.86
C PRO A 21 -3.42 3.17 -6.57
N ALA A 22 -4.36 3.90 -7.10
CA ALA A 22 -4.40 5.37 -6.85
C ALA A 22 -5.25 5.68 -5.61
N GLY A 23 -4.68 6.35 -4.65
CA GLY A 23 -5.45 6.70 -3.42
C GLY A 23 -5.23 5.64 -2.34
N TRP A 24 -4.35 4.71 -2.57
CA TRP A 24 -4.08 3.67 -1.55
C TRP A 24 -2.62 3.72 -1.11
N MET A 25 -2.35 3.62 0.16
CA MET A 25 -0.94 3.69 0.63
C MET A 25 -0.55 2.42 1.38
N ARG A 26 0.70 2.28 1.68
CA ARG A 26 1.19 1.10 2.42
C ARG A 26 1.87 1.54 3.73
N VAL A 27 1.25 1.30 4.85
CA VAL A 27 1.87 1.73 6.14
C VAL A 27 2.26 0.51 6.98
N GLN A 28 3.10 0.72 7.95
CA GLN A 28 3.53 -0.42 8.83
C GLN A 28 3.18 -0.09 10.29
N ASP A 29 2.26 -0.82 10.86
CA ASP A 29 1.88 -0.54 12.27
C ASP A 29 2.25 -1.73 13.17
N THR A 30 1.94 -1.65 14.43
CA THR A 30 2.27 -2.77 15.35
C THR A 30 1.47 -4.03 14.99
N SER A 31 0.35 -3.87 14.34
CA SER A 31 -0.46 -5.06 13.95
C SER A 31 0.05 -5.63 12.63
N GLY A 32 0.79 -4.85 11.88
CA GLY A 32 1.31 -5.36 10.58
C GLY A 32 1.19 -4.25 9.52
N THR A 33 1.69 -4.49 8.35
CA THR A 33 1.61 -3.45 7.27
C THR A 33 0.21 -3.47 6.64
N TYR A 34 -0.52 -2.39 6.75
CA TYR A 34 -1.88 -2.34 6.15
C TYR A 34 -1.92 -1.33 5.02
N TYR A 35 -3.08 -0.77 4.74
CA TYR A 35 -3.17 0.23 3.64
C TYR A 35 -3.94 1.47 4.10
N TRP A 36 -3.50 2.64 3.73
CA TRP A 36 -4.22 3.88 4.13
C TRP A 36 -4.88 4.52 2.92
N HIS A 37 -6.17 4.71 2.95
CA HIS A 37 -6.87 5.32 1.80
C HIS A 37 -6.71 6.85 1.82
N ILE A 38 -5.86 7.36 0.98
CA ILE A 38 -5.62 8.82 0.92
C ILE A 38 -6.87 9.61 0.51
N PRO A 39 -7.64 9.07 -0.41
CA PRO A 39 -8.86 9.79 -0.88
C PRO A 39 -9.95 9.80 0.19
N THR A 40 -10.46 8.66 0.56
CA THR A 40 -11.54 8.61 1.58
C THR A 40 -10.95 8.58 3.00
N GLY A 41 -9.84 7.92 3.18
CA GLY A 41 -9.23 7.86 4.53
C GLY A 41 -9.50 6.49 5.17
N THR A 42 -10.32 5.69 4.55
CA THR A 42 -10.62 4.35 5.13
C THR A 42 -9.34 3.54 5.26
N THR A 43 -9.28 2.63 6.20
CA THR A 43 -8.06 1.81 6.37
C THR A 43 -8.40 0.32 6.20
N GLN A 44 -7.46 -0.48 5.78
CA GLN A 44 -7.74 -1.93 5.60
C GLN A 44 -6.53 -2.77 6.04
N TRP A 45 -6.25 -3.83 5.33
CA TRP A 45 -5.10 -4.70 5.71
C TRP A 45 -4.51 -5.34 4.45
N GLU A 46 -5.35 -5.75 3.54
CA GLU A 46 -4.85 -6.40 2.30
C GLU A 46 -4.81 -5.38 1.15
N PRO A 47 -4.08 -5.72 0.13
CA PRO A 47 -3.97 -4.82 -1.06
C PRO A 47 -5.25 -4.84 -1.88
N PRO A 48 -5.73 -3.67 -2.20
CA PRO A 48 -6.97 -3.54 -3.01
C PRO A 48 -6.71 -3.90 -4.46
N GLY A 49 -7.73 -3.90 -5.28
CA GLY A 49 -7.53 -4.24 -6.72
C GLY A 49 -8.57 -3.51 -7.56
N ARG A 50 -9.82 -3.82 -7.39
CA ARG A 50 -10.88 -3.13 -8.18
C ARG A 50 -10.92 -1.65 -7.82
N ALA A 51 -11.34 -0.82 -8.74
CA ALA A 51 -11.40 0.64 -8.44
C ALA A 51 -12.66 1.26 -9.06
N SER A 52 -13.59 1.68 -8.26
CA SER A 52 -14.84 2.29 -8.81
C SER A 52 -14.50 3.51 -9.66
N PRO A 53 -13.82 4.44 -9.04
CA PRO A 53 -13.43 5.69 -9.75
C PRO A 53 -12.30 5.40 -10.75
N SER A 54 -12.14 6.24 -11.74
CA SER A 54 -11.06 6.01 -12.74
C SER A 54 -9.90 6.98 -12.51
N GLN A 55 -8.81 6.79 -13.20
CA GLN A 55 -7.64 7.71 -13.02
C GLN A 55 -7.91 9.05 -13.70
N ASP A 6 21.94 -9.91 3.85
CA ASP A 6 22.63 -9.34 5.03
C ASP A 6 21.62 -9.04 6.15
N SER A 7 21.68 -9.79 7.22
CA SER A 7 20.72 -9.56 8.34
C SER A 7 19.28 -9.68 7.84
N PHE A 8 18.64 -10.77 8.11
CA PHE A 8 17.23 -10.95 7.65
C PHE A 8 16.41 -9.70 7.93
N TRP A 9 16.72 -9.01 9.00
CA TRP A 9 15.96 -7.77 9.33
C TRP A 9 15.88 -6.86 8.10
N ASN A 10 14.79 -6.16 7.93
CA ASN A 10 14.65 -5.25 6.76
C ASN A 10 14.23 -3.86 7.22
N PRO A 11 15.10 -2.91 7.02
CA PRO A 11 14.82 -1.52 7.42
C PRO A 11 13.84 -0.86 6.43
N ASN A 12 13.83 0.44 6.39
CA ASN A 12 12.90 1.15 5.45
C ASN A 12 13.10 0.63 4.02
N ALA A 13 14.31 0.29 3.67
CA ALA A 13 14.57 -0.22 2.29
C ALA A 13 14.18 0.84 1.25
N PHE A 14 13.88 0.42 0.05
CA PHE A 14 13.48 1.40 -1.01
C PHE A 14 12.18 2.10 -0.61
N GLU A 15 11.50 2.65 -1.57
CA GLU A 15 10.21 3.37 -1.26
C GLU A 15 9.20 2.37 -0.66
N THR A 16 7.99 2.81 -0.45
CA THR A 16 6.96 1.90 0.12
C THR A 16 5.87 1.62 -0.91
N ASP A 17 4.79 1.01 -0.49
CA ASP A 17 3.69 0.71 -1.46
C ASP A 17 4.22 -0.10 -2.64
N SER A 18 4.17 -1.40 -2.54
CA SER A 18 4.67 -2.25 -3.67
C SER A 18 4.00 -1.84 -4.98
N ASP A 19 2.79 -2.28 -5.21
CA ASP A 19 2.10 -1.92 -6.47
C ASP A 19 0.60 -1.70 -6.20
N LEU A 20 0.26 -0.70 -5.43
CA LEU A 20 -1.17 -0.44 -5.13
C LEU A 20 -1.72 0.61 -6.10
N PRO A 21 -3.01 0.76 -6.10
CA PRO A 21 -3.67 1.74 -6.99
C PRO A 21 -3.34 3.17 -6.54
N ALA A 22 -4.01 4.15 -7.07
CA ALA A 22 -3.72 5.56 -6.68
C ALA A 22 -4.60 5.98 -5.49
N GLY A 23 -3.99 6.42 -4.43
CA GLY A 23 -4.78 6.85 -3.24
C GLY A 23 -4.69 5.80 -2.13
N TRP A 24 -4.03 4.71 -2.37
CA TRP A 24 -3.92 3.67 -1.32
C TRP A 24 -2.46 3.56 -0.87
N MET A 25 -2.16 3.98 0.33
CA MET A 25 -0.75 3.93 0.82
C MET A 25 -0.46 2.61 1.53
N ARG A 26 0.78 2.39 1.84
CA ARG A 26 1.19 1.15 2.56
C ARG A 26 1.86 1.51 3.88
N VAL A 27 1.19 1.31 4.99
CA VAL A 27 1.81 1.65 6.30
C VAL A 27 2.19 0.39 7.06
N GLN A 28 3.07 0.51 8.01
CA GLN A 28 3.48 -0.68 8.82
C GLN A 28 3.18 -0.44 10.30
N ASP A 29 1.95 -0.61 10.71
CA ASP A 29 1.62 -0.39 12.14
C ASP A 29 2.17 -1.52 13.00
N THR A 30 2.42 -1.26 14.26
CA THR A 30 2.97 -2.32 15.14
C THR A 30 2.20 -3.63 14.93
N SER A 31 0.96 -3.55 14.54
CA SER A 31 0.16 -4.80 14.32
C SER A 31 0.59 -5.47 13.01
N GLY A 32 0.78 -4.70 11.98
CA GLY A 32 1.20 -5.30 10.68
C GLY A 32 1.16 -4.22 9.59
N THR A 33 1.43 -4.58 8.37
CA THR A 33 1.42 -3.57 7.27
C THR A 33 0.04 -3.54 6.60
N TYR A 34 -0.67 -2.45 6.72
CA TYR A 34 -2.02 -2.37 6.09
C TYR A 34 -2.02 -1.30 4.99
N TYR A 35 -3.18 -0.78 4.67
CA TYR A 35 -3.25 0.26 3.60
C TYR A 35 -4.08 1.46 4.07
N TRP A 36 -3.74 2.64 3.63
CA TRP A 36 -4.49 3.85 4.06
C TRP A 36 -5.21 4.49 2.86
N HIS A 37 -6.50 4.58 2.91
CA HIS A 37 -7.25 5.20 1.77
C HIS A 37 -7.10 6.73 1.83
N ILE A 38 -6.01 7.23 1.30
CA ILE A 38 -5.74 8.70 1.32
C ILE A 38 -6.92 9.52 0.75
N PRO A 39 -7.39 9.16 -0.42
CA PRO A 39 -8.48 9.92 -1.06
C PRO A 39 -9.81 9.75 -0.29
N THR A 40 -9.88 8.83 0.61
CA THR A 40 -11.14 8.65 1.38
C THR A 40 -10.90 8.85 2.88
N GLY A 41 -10.27 7.90 3.52
CA GLY A 41 -10.01 8.03 4.97
C GLY A 41 -10.14 6.65 5.63
N THR A 42 -10.78 5.74 4.96
CA THR A 42 -10.96 4.37 5.52
C THR A 42 -9.64 3.59 5.45
N THR A 43 -9.51 2.55 6.22
CA THR A 43 -8.24 1.75 6.19
C THR A 43 -8.55 0.30 5.80
N GLN A 44 -7.54 -0.48 5.55
CA GLN A 44 -7.78 -1.90 5.15
C GLN A 44 -6.63 -2.79 5.67
N TRP A 45 -6.35 -3.86 4.98
CA TRP A 45 -5.24 -4.76 5.43
C TRP A 45 -4.59 -5.43 4.21
N GLU A 46 -5.37 -5.87 3.27
CA GLU A 46 -4.79 -6.53 2.06
C GLU A 46 -4.70 -5.53 0.90
N PRO A 47 -3.97 -5.92 -0.11
CA PRO A 47 -3.80 -5.06 -1.30
C PRO A 47 -5.09 -5.02 -2.13
N PRO A 48 -5.70 -3.86 -2.16
CA PRO A 48 -6.95 -3.69 -2.92
C PRO A 48 -6.66 -3.69 -4.43
N GLY A 49 -6.45 -2.54 -5.01
CA GLY A 49 -6.16 -2.48 -6.47
C GLY A 49 -7.12 -3.40 -7.22
N ARG A 50 -8.39 -3.10 -7.21
CA ARG A 50 -9.37 -3.96 -7.91
C ARG A 50 -8.90 -4.23 -9.35
N ALA A 51 -9.23 -3.37 -10.26
CA ALA A 51 -8.79 -3.57 -11.68
C ALA A 51 -9.15 -2.35 -12.52
N SER A 52 -9.00 -2.45 -13.82
CA SER A 52 -9.34 -1.29 -14.69
C SER A 52 -9.88 -1.77 -16.04
N PRO A 53 -11.14 -2.07 -16.05
CA PRO A 53 -11.80 -2.56 -17.29
C PRO A 53 -11.99 -1.41 -18.28
N SER A 54 -12.53 -1.69 -19.44
CA SER A 54 -12.74 -0.61 -20.44
C SER A 54 -14.06 -0.84 -21.19
N GLN A 55 -15.13 -1.08 -20.47
CA GLN A 55 -16.44 -1.32 -21.14
C GLN A 55 -17.47 -0.29 -20.65
N ASP A 6 2.60 -14.11 -0.28
CA ASP A 6 1.91 -15.44 -0.25
C ASP A 6 2.95 -16.56 -0.29
N SER A 7 3.80 -16.63 0.71
CA SER A 7 4.83 -17.71 0.73
C SER A 7 5.24 -18.01 2.17
N PHE A 8 6.21 -18.87 2.35
CA PHE A 8 6.65 -19.21 3.74
C PHE A 8 8.14 -18.89 3.90
N TRP A 9 8.87 -18.83 2.82
CA TRP A 9 10.32 -18.52 2.92
C TRP A 9 10.56 -17.37 3.90
N ASN A 10 10.50 -16.15 3.44
CA ASN A 10 10.72 -15.00 4.35
C ASN A 10 10.25 -13.70 3.67
N PRO A 11 9.06 -13.28 4.04
CA PRO A 11 8.49 -12.05 3.47
C PRO A 11 9.15 -10.81 4.10
N ASN A 12 8.48 -9.69 4.05
CA ASN A 12 9.07 -8.45 4.65
C ASN A 12 10.43 -8.15 4.02
N ALA A 13 10.58 -8.40 2.75
CA ALA A 13 11.88 -8.13 2.08
C ALA A 13 11.83 -8.58 0.62
N PHE A 14 10.70 -8.43 -0.02
CA PHE A 14 10.58 -8.84 -1.45
C PHE A 14 10.17 -7.66 -2.32
N GLU A 15 11.07 -6.75 -2.57
CA GLU A 15 10.73 -5.57 -3.41
C GLU A 15 9.49 -4.87 -2.85
N THR A 16 9.12 -3.74 -3.41
CA THR A 16 7.92 -3.01 -2.90
C THR A 16 6.65 -3.83 -3.18
N ASP A 17 5.51 -3.21 -3.06
CA ASP A 17 4.24 -3.95 -3.32
C ASP A 17 4.03 -4.12 -4.83
N SER A 18 2.87 -4.59 -5.22
CA SER A 18 2.60 -4.78 -6.68
C SER A 18 2.07 -3.49 -7.29
N ASP A 19 2.58 -2.36 -6.88
CA ASP A 19 2.11 -1.07 -7.44
C ASP A 19 0.60 -0.90 -7.18
N LEU A 20 0.24 -0.41 -6.03
CA LEU A 20 -1.21 -0.23 -5.72
C LEU A 20 -1.80 0.85 -6.62
N PRO A 21 -3.10 0.95 -6.61
CA PRO A 21 -3.80 1.95 -7.44
C PRO A 21 -3.55 3.36 -6.88
N ALA A 22 -4.30 4.33 -7.32
CA ALA A 22 -4.08 5.72 -6.81
C ALA A 22 -5.01 6.00 -5.63
N GLY A 23 -4.45 6.34 -4.50
CA GLY A 23 -5.30 6.64 -3.30
C GLY A 23 -5.04 5.59 -2.22
N TRP A 24 -4.16 4.67 -2.45
CA TRP A 24 -3.89 3.64 -1.40
C TRP A 24 -2.41 3.68 -1.00
N MET A 25 -2.14 3.60 0.28
CA MET A 25 -0.72 3.64 0.74
C MET A 25 -0.36 2.38 1.50
N ARG A 26 0.89 2.25 1.85
CA ARG A 26 1.34 1.05 2.61
C ARG A 26 1.95 1.50 3.95
N VAL A 27 1.25 1.32 5.03
CA VAL A 27 1.80 1.75 6.35
C VAL A 27 2.22 0.53 7.18
N GLN A 28 2.91 0.75 8.26
CA GLN A 28 3.34 -0.38 9.11
C GLN A 28 2.79 -0.22 10.53
N ASP A 29 1.59 -0.67 10.77
CA ASP A 29 0.99 -0.54 12.12
C ASP A 29 1.64 -1.53 13.09
N THR A 30 1.69 -1.22 14.35
CA THR A 30 2.32 -2.15 15.34
C THR A 30 1.77 -3.56 15.14
N SER A 31 0.62 -3.70 14.55
CA SER A 31 0.04 -5.05 14.33
C SER A 31 0.57 -5.66 13.02
N GLY A 32 0.76 -4.83 12.03
CA GLY A 32 1.27 -5.35 10.73
C GLY A 32 1.18 -4.25 9.67
N THR A 33 1.64 -4.52 8.48
CA THR A 33 1.58 -3.49 7.40
C THR A 33 0.20 -3.51 6.72
N TYR A 34 -0.53 -2.42 6.82
CA TYR A 34 -1.87 -2.37 6.18
C TYR A 34 -1.88 -1.34 5.05
N TYR A 35 -3.03 -0.80 4.74
CA TYR A 35 -3.09 0.22 3.65
C TYR A 35 -3.91 1.44 4.11
N TRP A 36 -3.50 2.61 3.70
CA TRP A 36 -4.24 3.83 4.11
C TRP A 36 -4.90 4.47 2.89
N HIS A 37 -6.17 4.77 2.98
CA HIS A 37 -6.88 5.39 1.83
C HIS A 37 -6.70 6.92 1.84
N ILE A 38 -5.78 7.41 1.04
CA ILE A 38 -5.53 8.87 0.99
C ILE A 38 -6.79 9.69 0.65
N PRO A 39 -7.59 9.22 -0.28
CA PRO A 39 -8.80 9.98 -0.68
C PRO A 39 -9.87 9.98 0.43
N THR A 40 -10.42 8.84 0.74
CA THR A 40 -11.47 8.81 1.81
C THR A 40 -10.83 8.66 3.19
N GLY A 41 -9.79 7.88 3.31
CA GLY A 41 -9.13 7.72 4.63
C GLY A 41 -9.45 6.33 5.20
N THR A 42 -10.22 5.54 4.49
CA THR A 42 -10.57 4.19 5.00
C THR A 42 -9.29 3.36 5.16
N THR A 43 -9.27 2.45 6.09
CA THR A 43 -8.05 1.61 6.29
C THR A 43 -8.39 0.13 6.10
N GLN A 44 -7.44 -0.66 5.68
CA GLN A 44 -7.71 -2.11 5.49
C GLN A 44 -6.49 -2.94 5.93
N TRP A 45 -6.15 -3.95 5.19
CA TRP A 45 -4.97 -4.78 5.58
C TRP A 45 -4.32 -5.39 4.34
N GLU A 46 -5.11 -5.83 3.39
CA GLU A 46 -4.54 -6.42 2.15
C GLU A 46 -4.64 -5.42 1.00
N PRO A 47 -3.96 -5.73 -0.08
CA PRO A 47 -3.97 -4.86 -1.27
C PRO A 47 -5.33 -4.92 -1.97
N PRO A 48 -5.89 -3.77 -2.22
CA PRO A 48 -7.21 -3.70 -2.89
C PRO A 48 -7.07 -4.03 -4.38
N GLY A 49 -8.12 -4.50 -5.00
CA GLY A 49 -8.03 -4.84 -6.44
C GLY A 49 -8.49 -6.29 -6.65
N ARG A 50 -8.77 -6.67 -7.87
CA ARG A 50 -9.21 -8.07 -8.13
C ARG A 50 -9.38 -8.31 -9.63
N ALA A 51 -8.31 -8.28 -10.37
CA ALA A 51 -8.41 -8.49 -11.84
C ALA A 51 -7.24 -9.35 -12.34
N SER A 52 -7.52 -10.51 -12.87
CA SER A 52 -6.41 -11.37 -13.37
C SER A 52 -6.99 -12.53 -14.20
N PRO A 53 -6.82 -12.42 -15.49
CA PRO A 53 -7.33 -13.47 -16.41
C PRO A 53 -6.46 -14.73 -16.31
N SER A 54 -6.81 -15.64 -15.44
CA SER A 54 -6.01 -16.88 -15.30
C SER A 54 -6.55 -17.97 -16.22
N GLN A 55 -6.01 -19.16 -16.13
CA GLN A 55 -6.50 -20.27 -17.00
C GLN A 55 -6.40 -19.86 -18.48
N ASP A 6 22.02 -3.09 10.36
CA ASP A 6 20.91 -2.51 9.56
C ASP A 6 21.47 -1.60 8.47
N SER A 7 21.73 -2.13 7.31
CA SER A 7 22.27 -1.29 6.20
C SER A 7 21.97 -1.92 4.84
N PHE A 8 22.04 -3.22 4.76
CA PHE A 8 21.76 -3.90 3.46
C PHE A 8 20.27 -3.74 3.09
N TRP A 9 19.39 -3.91 4.05
CA TRP A 9 17.94 -3.77 3.75
C TRP A 9 17.63 -2.35 3.26
N ASN A 10 18.47 -1.41 3.58
CA ASN A 10 18.22 0.00 3.14
C ASN A 10 19.48 0.57 2.47
N PRO A 11 19.72 0.11 1.28
CA PRO A 11 20.91 0.59 0.52
C PRO A 11 20.66 2.00 -0.02
N ASN A 12 20.12 2.11 -1.20
CA ASN A 12 19.86 3.46 -1.78
C ASN A 12 18.80 4.19 -0.96
N ALA A 13 17.93 3.46 -0.31
CA ALA A 13 16.87 4.11 0.52
C ALA A 13 16.01 5.02 -0.36
N PHE A 14 15.13 4.45 -1.14
CA PHE A 14 14.25 5.29 -2.01
C PHE A 14 13.18 4.42 -2.68
N GLU A 15 12.50 3.62 -1.91
CA GLU A 15 11.44 2.74 -2.51
C GLU A 15 10.05 3.28 -2.16
N THR A 16 9.09 3.04 -3.00
CA THR A 16 7.71 3.54 -2.71
C THR A 16 6.76 2.37 -2.43
N ASP A 17 5.49 2.62 -2.40
CA ASP A 17 4.51 1.52 -2.14
C ASP A 17 4.75 0.36 -3.11
N SER A 18 4.61 -0.85 -2.65
CA SER A 18 4.81 -2.02 -3.55
C SER A 18 4.15 -1.77 -4.90
N ASP A 19 2.87 -2.06 -5.00
CA ASP A 19 2.16 -1.83 -6.29
C ASP A 19 0.67 -1.59 -6.03
N LEU A 20 0.34 -0.59 -5.26
CA LEU A 20 -1.09 -0.30 -4.98
C LEU A 20 -1.66 0.64 -6.04
N PRO A 21 -2.96 0.74 -6.06
CA PRO A 21 -3.64 1.63 -7.04
C PRO A 21 -3.44 3.09 -6.66
N ALA A 22 -4.27 3.97 -7.15
CA ALA A 22 -4.10 5.41 -6.82
C ALA A 22 -4.96 5.80 -5.62
N GLY A 23 -4.41 6.53 -4.69
CA GLY A 23 -5.20 6.94 -3.49
C GLY A 23 -5.02 5.92 -2.38
N TRP A 24 -4.13 4.98 -2.54
CA TRP A 24 -3.92 3.96 -1.48
C TRP A 24 -2.47 4.01 -1.00
N MET A 25 -2.25 3.90 0.28
CA MET A 25 -0.86 3.95 0.80
C MET A 25 -0.47 2.67 1.53
N ARG A 26 0.77 2.56 1.85
CA ARG A 26 1.25 1.35 2.58
C ARG A 26 1.91 1.78 3.90
N VAL A 27 1.32 1.45 5.01
CA VAL A 27 1.92 1.86 6.31
C VAL A 27 2.35 0.63 7.12
N GLN A 28 3.09 0.84 8.16
CA GLN A 28 3.55 -0.31 9.00
C GLN A 28 3.06 -0.16 10.44
N ASP A 29 1.92 -0.71 10.75
CA ASP A 29 1.37 -0.58 12.13
C ASP A 29 1.94 -1.69 13.02
N THR A 30 1.85 -1.53 14.32
CA THR A 30 2.38 -2.57 15.25
C THR A 30 1.74 -3.92 14.94
N SER A 31 0.54 -3.92 14.44
CA SER A 31 -0.15 -5.22 14.13
C SER A 31 0.36 -5.78 12.80
N GLY A 32 0.83 -4.93 11.93
CA GLY A 32 1.34 -5.42 10.62
C GLY A 32 1.28 -4.29 9.58
N THR A 33 1.81 -4.52 8.42
CA THR A 33 1.77 -3.45 7.37
C THR A 33 0.40 -3.40 6.71
N TYR A 34 -0.31 -2.32 6.86
CA TYR A 34 -1.67 -2.22 6.24
C TYR A 34 -1.66 -1.13 5.15
N TYR A 35 -2.81 -0.57 4.86
CA TYR A 35 -2.86 0.48 3.81
C TYR A 35 -3.73 1.65 4.26
N TRP A 36 -3.44 2.83 3.77
CA TRP A 36 -4.25 4.03 4.18
C TRP A 36 -4.90 4.66 2.94
N HIS A 37 -6.20 4.78 2.96
CA HIS A 37 -6.90 5.39 1.79
C HIS A 37 -6.78 6.92 1.83
N ILE A 38 -5.89 7.45 1.03
CA ILE A 38 -5.68 8.93 1.00
C ILE A 38 -6.94 9.69 0.56
N PRO A 39 -7.67 9.17 -0.39
CA PRO A 39 -8.87 9.88 -0.88
C PRO A 39 -10.00 9.88 0.17
N THR A 40 -10.43 8.73 0.59
CA THR A 40 -11.52 8.68 1.61
C THR A 40 -10.94 8.63 3.03
N GLY A 41 -9.91 7.85 3.22
CA GLY A 41 -9.29 7.75 4.58
C GLY A 41 -9.57 6.38 5.18
N THR A 42 -10.31 5.55 4.49
CA THR A 42 -10.61 4.19 5.04
C THR A 42 -9.31 3.38 5.15
N THR A 43 -9.25 2.47 6.07
CA THR A 43 -8.02 1.64 6.23
C THR A 43 -8.35 0.16 6.04
N GLN A 44 -7.43 -0.61 5.55
CA GLN A 44 -7.69 -2.07 5.34
C GLN A 44 -6.45 -2.89 5.69
N TRP A 45 -6.43 -4.14 5.34
CA TRP A 45 -5.25 -4.99 5.66
C TRP A 45 -4.88 -5.86 4.45
N GLU A 46 -5.59 -5.72 3.36
CA GLU A 46 -5.29 -6.54 2.16
C GLU A 46 -5.02 -5.64 0.95
N PRO A 47 -4.44 -6.22 -0.06
CA PRO A 47 -4.12 -5.47 -1.30
C PRO A 47 -5.40 -5.15 -2.07
N PRO A 48 -5.73 -3.89 -2.12
CA PRO A 48 -6.95 -3.44 -2.84
C PRO A 48 -6.75 -3.54 -4.36
N GLY A 49 -7.80 -3.74 -5.10
CA GLY A 49 -7.67 -3.84 -6.57
C GLY A 49 -8.67 -4.88 -7.10
N ARG A 50 -8.39 -5.45 -8.25
CA ARG A 50 -9.34 -6.46 -8.81
C ARG A 50 -8.56 -7.67 -9.32
N ALA A 51 -9.23 -8.77 -9.54
CA ALA A 51 -8.54 -9.99 -10.03
C ALA A 51 -7.47 -10.45 -9.02
N SER A 52 -7.29 -11.73 -8.88
CA SER A 52 -6.28 -12.24 -7.91
C SER A 52 -6.12 -13.76 -8.06
N PRO A 53 -7.20 -14.46 -7.82
CA PRO A 53 -7.17 -15.93 -7.94
C PRO A 53 -7.08 -16.35 -9.42
N SER A 54 -6.93 -17.63 -9.67
CA SER A 54 -6.84 -18.09 -11.09
C SER A 54 -7.08 -19.61 -11.16
N GLN A 55 -8.03 -20.02 -11.95
CA GLN A 55 -8.32 -21.48 -12.06
C GLN A 55 -8.62 -21.85 -13.51
N ASP A 6 20.41 -21.64 -11.15
CA ASP A 6 19.59 -20.44 -10.83
C ASP A 6 18.40 -20.82 -9.95
N SER A 7 18.05 -19.97 -9.02
CA SER A 7 16.90 -20.28 -8.12
C SER A 7 16.25 -18.98 -7.63
N PHE A 8 16.80 -18.39 -6.60
CA PHE A 8 16.21 -17.13 -6.07
C PHE A 8 16.69 -15.93 -6.91
N TRP A 9 16.64 -14.75 -6.37
CA TRP A 9 17.09 -13.56 -7.14
C TRP A 9 16.81 -12.29 -6.35
N ASN A 10 15.77 -12.28 -5.56
CA ASN A 10 15.44 -11.07 -4.76
C ASN A 10 15.53 -11.38 -3.27
N PRO A 11 16.70 -11.19 -2.73
CA PRO A 11 16.95 -11.46 -1.29
C PRO A 11 16.28 -10.38 -0.44
N ASN A 12 16.99 -9.33 -0.14
CA ASN A 12 16.40 -8.24 0.69
C ASN A 12 16.54 -6.89 -0.02
N ALA A 13 15.90 -6.73 -1.15
CA ALA A 13 16.01 -5.45 -1.89
C ALA A 13 14.82 -4.54 -1.56
N PHE A 14 14.50 -3.64 -2.43
CA PHE A 14 13.35 -2.71 -2.16
C PHE A 14 12.09 -3.52 -1.84
N GLU A 15 11.45 -3.22 -0.73
CA GLU A 15 10.22 -3.96 -0.37
C GLU A 15 9.07 -2.99 -0.12
N THR A 16 9.24 -1.80 -0.56
CA THR A 16 8.18 -0.77 -0.37
C THR A 16 6.92 -1.13 -1.17
N ASP A 17 6.05 -0.19 -1.39
CA ASP A 17 4.81 -0.47 -2.17
C ASP A 17 5.14 -1.36 -3.37
N SER A 18 4.20 -2.15 -3.82
CA SER A 18 4.45 -3.03 -4.99
C SER A 18 3.78 -2.45 -6.24
N ASP A 19 2.48 -2.37 -6.24
CA ASP A 19 1.77 -1.81 -7.43
C ASP A 19 0.33 -1.46 -7.07
N LEU A 20 0.13 -0.72 -6.00
CA LEU A 20 -1.25 -0.34 -5.61
C LEU A 20 -1.83 0.68 -6.59
N PRO A 21 -3.11 0.86 -6.50
CA PRO A 21 -3.80 1.84 -7.39
C PRO A 21 -3.44 3.27 -7.00
N ALA A 22 -4.24 4.22 -7.41
CA ALA A 22 -3.92 5.64 -7.06
C ALA A 22 -4.76 6.09 -5.85
N GLY A 23 -4.12 6.49 -4.79
CA GLY A 23 -4.85 6.95 -3.59
C GLY A 23 -4.74 5.89 -2.48
N TRP A 24 -4.01 4.84 -2.70
CA TRP A 24 -3.86 3.81 -1.65
C TRP A 24 -2.41 3.75 -1.17
N MET A 25 -2.20 3.94 0.11
CA MET A 25 -0.79 3.91 0.63
C MET A 25 -0.55 2.63 1.43
N ARG A 26 0.70 2.32 1.68
CA ARG A 26 1.03 1.09 2.46
C ARG A 26 1.81 1.48 3.72
N VAL A 27 1.27 1.22 4.88
CA VAL A 27 1.98 1.60 6.13
C VAL A 27 2.31 0.35 6.97
N GLN A 28 3.21 0.50 7.91
CA GLN A 28 3.57 -0.66 8.77
C GLN A 28 3.30 -0.32 10.24
N ASP A 29 2.17 -0.72 10.75
CA ASP A 29 1.85 -0.41 12.17
C ASP A 29 2.13 -1.63 13.07
N THR A 30 1.97 -1.47 14.35
CA THR A 30 2.23 -2.61 15.28
C THR A 30 1.42 -3.83 14.85
N SER A 31 0.13 -3.70 14.75
CA SER A 31 -0.72 -4.86 14.34
C SER A 31 -0.13 -5.51 13.08
N GLY A 32 0.28 -4.71 12.13
CA GLY A 32 0.85 -5.28 10.89
C GLY A 32 0.86 -4.21 9.79
N THR A 33 1.28 -4.56 8.60
CA THR A 33 1.31 -3.56 7.50
C THR A 33 -0.06 -3.46 6.83
N TYR A 34 -0.69 -2.32 6.92
CA TYR A 34 -2.03 -2.18 6.27
C TYR A 34 -1.96 -1.17 5.13
N TYR A 35 -3.08 -0.60 4.76
CA TYR A 35 -3.08 0.39 3.65
C TYR A 35 -3.86 1.65 4.06
N TRP A 36 -3.28 2.80 3.87
CA TRP A 36 -3.99 4.05 4.26
C TRP A 36 -4.65 4.70 3.05
N HIS A 37 -5.95 4.68 3.00
CA HIS A 37 -6.68 5.28 1.85
C HIS A 37 -6.69 6.81 1.97
N ILE A 38 -6.00 7.47 1.09
CA ILE A 38 -5.93 8.96 1.12
C ILE A 38 -7.29 9.60 0.79
N PRO A 39 -7.98 9.05 -0.18
CA PRO A 39 -9.29 9.62 -0.59
C PRO A 39 -10.39 9.33 0.44
N THR A 40 -10.61 8.07 0.75
CA THR A 40 -11.68 7.74 1.74
C THR A 40 -11.13 7.81 3.16
N GLY A 41 -9.84 7.96 3.31
CA GLY A 41 -9.24 8.02 4.68
C GLY A 41 -9.54 6.72 5.43
N THR A 42 -9.99 5.71 4.74
CA THR A 42 -10.28 4.42 5.43
C THR A 42 -9.02 3.55 5.49
N THR A 43 -8.97 2.61 6.37
CA THR A 43 -7.77 1.73 6.47
C THR A 43 -8.17 0.27 6.24
N GLN A 44 -7.25 -0.55 5.82
CA GLN A 44 -7.59 -1.98 5.57
C GLN A 44 -6.44 -2.89 6.00
N TRP A 45 -6.18 -3.93 5.26
CA TRP A 45 -5.06 -4.85 5.62
C TRP A 45 -4.47 -5.51 4.35
N GLU A 46 -5.30 -5.83 3.41
CA GLU A 46 -4.80 -6.46 2.16
C GLU A 46 -4.70 -5.43 1.04
N PRO A 47 -3.97 -5.78 0.02
CA PRO A 47 -3.79 -4.86 -1.14
C PRO A 47 -5.08 -4.80 -1.97
N PRO A 48 -5.53 -3.59 -2.20
CA PRO A 48 -6.76 -3.39 -2.99
C PRO A 48 -6.51 -3.67 -4.47
N GLY A 49 -6.48 -4.92 -4.86
CA GLY A 49 -6.23 -5.26 -6.28
C GLY A 49 -7.47 -5.93 -6.88
N ARG A 50 -7.38 -6.35 -8.11
CA ARG A 50 -8.55 -7.01 -8.77
C ARG A 50 -8.75 -8.42 -8.20
N ALA A 51 -9.97 -8.85 -8.05
CA ALA A 51 -10.24 -10.20 -7.51
C ALA A 51 -9.36 -10.47 -6.29
N SER A 52 -8.26 -11.16 -6.45
CA SER A 52 -7.37 -11.45 -5.29
C SER A 52 -8.13 -12.27 -4.24
N PRO A 53 -7.47 -13.27 -3.74
CA PRO A 53 -8.09 -14.15 -2.72
C PRO A 53 -8.18 -13.43 -1.38
N SER A 54 -8.83 -14.03 -0.41
CA SER A 54 -8.95 -13.37 0.92
C SER A 54 -9.13 -14.43 2.01
N GLN A 55 -8.58 -14.20 3.17
CA GLN A 55 -8.72 -15.19 4.28
C GLN A 55 -8.98 -14.47 5.60
N ASP A 6 14.28 3.25 -18.31
CA ASP A 6 13.75 2.60 -17.08
C ASP A 6 14.31 3.30 -15.84
N SER A 7 13.88 2.89 -14.67
CA SER A 7 14.39 3.53 -13.42
C SER A 7 14.42 5.05 -13.58
N PHE A 8 13.30 5.70 -13.44
CA PHE A 8 13.26 7.18 -13.59
C PHE A 8 13.08 7.84 -12.22
N TRP A 9 13.91 7.51 -11.27
CA TRP A 9 13.79 8.12 -9.92
C TRP A 9 14.72 7.42 -8.93
N ASN A 10 14.32 6.29 -8.42
CA ASN A 10 15.19 5.56 -7.45
C ASN A 10 15.03 4.05 -7.62
N PRO A 11 16.13 3.36 -7.63
CA PRO A 11 16.12 1.89 -7.80
C PRO A 11 15.60 1.21 -6.52
N ASN A 12 16.49 0.85 -5.63
CA ASN A 12 16.05 0.19 -4.37
C ASN A 12 16.07 1.18 -3.20
N ALA A 13 15.50 2.34 -3.40
CA ALA A 13 15.49 3.36 -2.31
C ALA A 13 14.06 3.55 -1.78
N PHE A 14 13.92 4.07 -0.59
CA PHE A 14 12.56 4.28 -0.03
C PHE A 14 11.69 5.07 -1.02
N GLU A 15 10.60 4.49 -1.45
CA GLU A 15 9.72 5.20 -2.42
C GLU A 15 8.26 5.17 -1.93
N THR A 16 7.35 5.68 -2.72
CA THR A 16 5.92 5.68 -2.30
C THR A 16 5.35 4.26 -2.37
N ASP A 17 4.06 4.13 -2.43
CA ASP A 17 3.44 2.78 -2.50
C ASP A 17 4.22 1.89 -3.48
N SER A 18 4.42 0.65 -3.13
CA SER A 18 5.16 -0.27 -4.02
C SER A 18 4.36 -0.55 -5.29
N ASP A 19 3.36 -1.37 -5.19
CA ASP A 19 2.53 -1.68 -6.39
C ASP A 19 1.04 -1.55 -6.06
N LEU A 20 0.66 -0.47 -5.44
CA LEU A 20 -0.78 -0.28 -5.08
C LEU A 20 -1.45 0.64 -6.11
N PRO A 21 -2.76 0.68 -6.05
CA PRO A 21 -3.53 1.54 -6.98
C PRO A 21 -3.31 3.01 -6.65
N ALA A 22 -4.20 3.87 -7.09
CA ALA A 22 -4.03 5.33 -6.82
C ALA A 22 -4.80 5.73 -5.55
N GLY A 23 -4.17 6.44 -4.67
CA GLY A 23 -4.86 6.88 -3.41
C GLY A 23 -4.70 5.81 -2.32
N TRP A 24 -3.92 4.81 -2.56
CA TRP A 24 -3.73 3.75 -1.51
C TRP A 24 -2.27 3.71 -1.07
N MET A 25 -2.03 3.89 0.20
CA MET A 25 -0.63 3.88 0.71
C MET A 25 -0.34 2.59 1.48
N ARG A 26 0.91 2.34 1.77
CA ARG A 26 1.27 1.10 2.53
C ARG A 26 1.97 1.50 3.84
N VAL A 27 1.32 1.37 4.95
CA VAL A 27 1.95 1.75 6.25
C VAL A 27 2.33 0.50 7.04
N GLN A 28 3.13 0.66 8.06
CA GLN A 28 3.54 -0.50 8.90
C GLN A 28 3.10 -0.27 10.35
N ASP A 29 1.90 -0.66 10.68
CA ASP A 29 1.42 -0.47 12.07
C ASP A 29 1.95 -1.59 12.98
N THR A 30 1.79 -1.45 14.27
CA THR A 30 2.28 -2.50 15.21
C THR A 30 1.62 -3.84 14.89
N SER A 31 0.43 -3.82 14.34
CA SER A 31 -0.26 -5.10 14.00
C SER A 31 0.29 -5.67 12.70
N GLY A 32 0.82 -4.84 11.85
CA GLY A 32 1.37 -5.33 10.55
C GLY A 32 1.27 -4.23 9.50
N THR A 33 1.71 -4.50 8.31
CA THR A 33 1.64 -3.45 7.24
C THR A 33 0.26 -3.47 6.59
N TYR A 34 -0.48 -2.39 6.71
CA TYR A 34 -1.84 -2.35 6.10
C TYR A 34 -1.88 -1.32 4.98
N TYR A 35 -3.03 -0.78 4.69
CA TYR A 35 -3.14 0.22 3.60
C TYR A 35 -3.89 1.47 4.09
N TRP A 36 -3.46 2.63 3.68
CA TRP A 36 -4.15 3.88 4.13
C TRP A 36 -4.80 4.57 2.93
N HIS A 37 -6.10 4.59 2.89
CA HIS A 37 -6.81 5.24 1.75
C HIS A 37 -6.79 6.76 1.92
N ILE A 38 -6.00 7.44 1.13
CA ILE A 38 -5.91 8.92 1.22
C ILE A 38 -7.23 9.61 0.83
N PRO A 39 -7.88 9.10 -0.19
CA PRO A 39 -9.15 9.72 -0.66
C PRO A 39 -10.33 9.41 0.28
N THR A 40 -10.56 8.16 0.58
CA THR A 40 -11.70 7.81 1.48
C THR A 40 -11.26 7.87 2.95
N GLY A 41 -9.99 8.05 3.19
CA GLY A 41 -9.51 8.11 4.60
C GLY A 41 -9.82 6.80 5.33
N THR A 42 -10.22 5.79 4.60
CA THR A 42 -10.53 4.48 5.26
C THR A 42 -9.26 3.64 5.39
N THR A 43 -9.24 2.73 6.30
CA THR A 43 -8.03 1.87 6.46
C THR A 43 -8.40 0.39 6.28
N GLN A 44 -7.46 -0.42 5.87
CA GLN A 44 -7.77 -1.86 5.68
C GLN A 44 -6.54 -2.71 6.01
N TRP A 45 -6.27 -3.72 5.23
CA TRP A 45 -5.08 -4.58 5.51
C TRP A 45 -4.64 -5.29 4.23
N GLU A 46 -5.56 -5.71 3.41
CA GLU A 46 -5.20 -6.41 2.14
C GLU A 46 -5.01 -5.40 1.02
N PRO A 47 -4.35 -5.83 -0.02
CA PRO A 47 -4.09 -4.97 -1.19
C PRO A 47 -5.39 -4.77 -1.99
N PRO A 48 -5.84 -3.55 -2.04
CA PRO A 48 -7.09 -3.23 -2.78
C PRO A 48 -6.84 -3.30 -4.29
N GLY A 49 -7.65 -4.03 -5.00
CA GLY A 49 -7.46 -4.14 -6.47
C GLY A 49 -8.11 -5.43 -6.97
N ARG A 50 -7.35 -6.48 -7.08
CA ARG A 50 -7.92 -7.78 -7.57
C ARG A 50 -7.83 -8.84 -6.46
N ALA A 51 -8.96 -9.36 -6.04
CA ALA A 51 -8.93 -10.41 -4.98
C ALA A 51 -9.82 -11.58 -5.37
N SER A 52 -9.40 -12.38 -6.30
CA SER A 52 -10.22 -13.54 -6.72
C SER A 52 -10.58 -14.41 -5.51
N PRO A 53 -9.58 -14.89 -4.84
CA PRO A 53 -9.78 -15.74 -3.64
C PRO A 53 -10.28 -14.90 -2.47
N SER A 54 -11.55 -14.63 -2.40
CA SER A 54 -12.09 -13.82 -1.27
C SER A 54 -12.80 -14.72 -0.26
N GLN A 55 -13.28 -15.84 -0.69
CA GLN A 55 -13.99 -16.77 0.24
C GLN A 55 -13.02 -17.27 1.32
N ASP A 6 12.77 -16.65 -7.80
CA ASP A 6 14.23 -16.40 -7.93
C ASP A 6 14.52 -14.89 -7.80
N SER A 7 13.78 -14.21 -6.97
CA SER A 7 14.02 -12.75 -6.79
C SER A 7 15.45 -12.49 -6.32
N PHE A 8 15.75 -11.28 -5.93
CA PHE A 8 17.13 -10.97 -5.45
C PHE A 8 17.08 -10.09 -4.20
N TRP A 9 16.82 -8.81 -4.37
CA TRP A 9 16.77 -7.90 -3.20
C TRP A 9 15.79 -8.45 -2.15
N ASN A 10 15.79 -7.88 -0.98
CA ASN A 10 14.86 -8.37 0.09
C ASN A 10 13.52 -7.63 0.01
N PRO A 11 12.48 -8.32 0.37
CA PRO A 11 11.12 -7.73 0.35
C PRO A 11 10.95 -6.73 1.49
N ASN A 12 11.60 -6.98 2.60
CA ASN A 12 11.47 -6.04 3.76
C ASN A 12 12.73 -5.17 3.87
N ALA A 13 13.15 -4.59 2.78
CA ALA A 13 14.36 -3.72 2.82
C ALA A 13 13.97 -2.26 3.05
N PHE A 14 13.73 -1.52 2.00
CA PHE A 14 13.34 -0.09 2.16
C PHE A 14 12.96 0.51 0.81
N GLU A 15 11.73 0.36 0.40
CA GLU A 15 11.31 0.94 -0.91
C GLU A 15 9.88 1.47 -0.81
N THR A 16 9.30 1.83 -1.93
CA THR A 16 7.91 2.37 -1.90
C THR A 16 6.92 1.24 -1.57
N ASP A 17 5.65 1.53 -1.64
CA ASP A 17 4.64 0.47 -1.34
C ASP A 17 4.73 -0.65 -2.36
N SER A 18 3.83 -1.60 -2.32
CA SER A 18 3.86 -2.71 -3.29
C SER A 18 3.12 -2.33 -4.58
N ASP A 19 3.42 -1.18 -5.12
CA ASP A 19 2.73 -0.74 -6.37
C ASP A 19 1.21 -0.72 -6.17
N LEU A 20 0.75 -0.10 -5.12
CA LEU A 20 -0.71 -0.04 -4.87
C LEU A 20 -1.39 0.84 -5.93
N PRO A 21 -2.69 0.83 -5.92
CA PRO A 21 -3.47 1.63 -6.90
C PRO A 21 -3.29 3.13 -6.60
N ALA A 22 -4.19 3.95 -7.09
CA ALA A 22 -4.05 5.41 -6.85
C ALA A 22 -4.77 5.83 -5.56
N GLY A 23 -4.07 6.53 -4.70
CA GLY A 23 -4.70 6.99 -3.43
C GLY A 23 -4.52 5.93 -2.34
N TRP A 24 -4.06 4.77 -2.67
CA TRP A 24 -3.87 3.72 -1.61
C TRP A 24 -2.41 3.68 -1.16
N MET A 25 -2.18 3.73 0.11
CA MET A 25 -0.77 3.72 0.62
C MET A 25 -0.50 2.44 1.42
N ARG A 26 0.76 2.16 1.66
CA ARG A 26 1.12 0.95 2.46
C ARG A 26 1.89 1.36 3.71
N VAL A 27 1.28 1.29 4.85
CA VAL A 27 1.99 1.69 6.10
C VAL A 27 2.35 0.46 6.94
N GLN A 28 3.25 0.62 7.88
CA GLN A 28 3.66 -0.53 8.74
C GLN A 28 3.36 -0.21 10.21
N ASP A 29 2.17 -0.48 10.66
CA ASP A 29 1.82 -0.19 12.09
C ASP A 29 2.12 -1.40 12.97
N THR A 30 2.00 -1.26 14.26
CA THR A 30 2.26 -2.40 15.17
C THR A 30 1.45 -3.63 14.73
N SER A 31 0.17 -3.46 14.53
CA SER A 31 -0.68 -4.60 14.09
C SER A 31 -0.08 -5.26 12.85
N GLY A 32 0.57 -4.50 12.02
CA GLY A 32 1.18 -5.09 10.79
C GLY A 32 1.12 -4.07 9.66
N THR A 33 1.60 -4.43 8.50
CA THR A 33 1.56 -3.48 7.34
C THR A 33 0.16 -3.46 6.73
N TYR A 34 -0.52 -2.36 6.81
CA TYR A 34 -1.89 -2.29 6.22
C TYR A 34 -1.93 -1.30 5.06
N TYR A 35 -3.09 -0.83 4.71
CA TYR A 35 -3.20 0.13 3.57
C TYR A 35 -3.95 1.38 4.01
N TRP A 36 -3.36 2.54 3.83
CA TRP A 36 -4.04 3.79 4.24
C TRP A 36 -4.70 4.47 3.04
N HIS A 37 -6.00 4.58 3.05
CA HIS A 37 -6.71 5.23 1.92
C HIS A 37 -6.69 6.75 2.09
N ILE A 38 -5.93 7.43 1.27
CA ILE A 38 -5.83 8.91 1.35
C ILE A 38 -7.15 9.60 0.95
N PRO A 39 -7.80 9.09 -0.06
CA PRO A 39 -9.07 9.72 -0.54
C PRO A 39 -10.23 9.42 0.41
N THR A 40 -10.51 8.18 0.68
CA THR A 40 -11.65 7.85 1.58
C THR A 40 -11.18 7.86 3.04
N GLY A 41 -9.90 7.92 3.27
CA GLY A 41 -9.39 7.94 4.67
C GLY A 41 -9.69 6.61 5.36
N THR A 42 -10.17 5.64 4.63
CA THR A 42 -10.47 4.33 5.24
C THR A 42 -9.20 3.49 5.34
N THR A 43 -9.14 2.57 6.26
CA THR A 43 -7.93 1.71 6.39
C THR A 43 -8.29 0.24 6.19
N GLN A 44 -7.38 -0.55 5.70
CA GLN A 44 -7.68 -1.99 5.48
C GLN A 44 -6.47 -2.86 5.83
N TRP A 45 -6.23 -3.89 5.08
CA TRP A 45 -5.06 -4.77 5.37
C TRP A 45 -4.57 -5.44 4.08
N GLU A 46 -5.49 -5.87 3.25
CA GLU A 46 -5.08 -6.54 1.98
C GLU A 46 -5.00 -5.52 0.84
N PRO A 47 -4.45 -5.95 -0.25
CA PRO A 47 -4.32 -5.07 -1.44
C PRO A 47 -5.69 -4.84 -2.10
N PRO A 48 -6.02 -3.59 -2.26
CA PRO A 48 -7.32 -3.22 -2.88
C PRO A 48 -7.29 -3.50 -4.39
N GLY A 49 -7.97 -4.52 -4.83
CA GLY A 49 -7.99 -4.83 -6.29
C GLY A 49 -6.67 -5.52 -6.68
N ARG A 50 -6.69 -6.31 -7.72
CA ARG A 50 -5.44 -7.00 -8.14
C ARG A 50 -4.99 -6.48 -9.50
N ALA A 51 -3.70 -6.36 -9.69
CA ALA A 51 -3.19 -5.85 -11.00
C ALA A 51 -3.75 -4.45 -11.28
N SER A 52 -3.56 -3.95 -12.47
CA SER A 52 -4.09 -2.59 -12.80
C SER A 52 -5.19 -2.70 -13.86
N PRO A 53 -6.39 -2.49 -13.43
CA PRO A 53 -7.56 -2.56 -14.34
C PRO A 53 -7.59 -1.35 -15.28
N SER A 54 -8.72 -1.06 -15.85
CA SER A 54 -8.81 0.11 -16.77
C SER A 54 -10.13 0.85 -16.56
N GLN A 55 -10.34 1.93 -17.26
CA GLN A 55 -11.61 2.69 -17.10
C GLN A 55 -11.80 3.10 -15.63
N ASP A 6 26.66 17.45 3.84
CA ASP A 6 26.58 16.16 3.10
C ASP A 6 25.12 15.85 2.74
N SER A 7 24.83 14.63 2.41
CA SER A 7 23.43 14.26 2.04
C SER A 7 22.51 14.40 3.25
N PHE A 8 23.06 14.35 4.44
CA PHE A 8 22.21 14.47 5.66
C PHE A 8 21.22 13.32 5.74
N TRP A 9 21.50 12.33 6.54
CA TRP A 9 20.58 11.17 6.67
C TRP A 9 20.19 10.64 5.28
N ASN A 10 19.14 9.87 5.20
CA ASN A 10 18.71 9.32 3.89
C ASN A 10 17.59 10.17 3.30
N PRO A 11 17.85 10.74 2.15
CA PRO A 11 16.84 11.58 1.48
C PRO A 11 15.73 10.71 0.86
N ASN A 12 16.07 9.53 0.44
CA ASN A 12 15.04 8.63 -0.15
C ASN A 12 14.14 8.06 0.95
N ALA A 13 14.63 7.93 2.14
CA ALA A 13 13.81 7.38 3.25
C ALA A 13 13.46 5.92 2.98
N PHE A 14 12.50 5.39 3.67
CA PHE A 14 12.13 3.96 3.46
C PHE A 14 11.28 3.81 2.20
N GLU A 15 11.52 2.80 1.42
CA GLU A 15 10.72 2.60 0.18
C GLU A 15 9.22 2.69 0.50
N THR A 16 8.44 3.17 -0.43
CA THR A 16 6.97 3.29 -0.19
C THR A 16 6.28 1.95 -0.48
N ASP A 17 4.98 1.96 -0.67
CA ASP A 17 4.27 0.70 -0.97
C ASP A 17 4.90 -0.01 -2.16
N SER A 18 4.22 -0.99 -2.70
CA SER A 18 4.78 -1.73 -3.87
C SER A 18 4.03 -1.36 -5.14
N ASP A 19 2.95 -2.03 -5.42
CA ASP A 19 2.16 -1.71 -6.64
C ASP A 19 0.69 -1.50 -6.30
N LEU A 20 0.39 -0.52 -5.48
CA LEU A 20 -1.03 -0.27 -5.11
C LEU A 20 -1.70 0.63 -6.15
N PRO A 21 -2.99 0.73 -6.06
CA PRO A 21 -3.76 1.58 -7.01
C PRO A 21 -3.49 3.06 -6.74
N ALA A 22 -4.33 3.93 -7.23
CA ALA A 22 -4.11 5.38 -6.99
C ALA A 22 -4.94 5.86 -5.80
N GLY A 23 -4.31 6.34 -4.77
CA GLY A 23 -5.05 6.84 -3.58
C GLY A 23 -4.91 5.84 -2.44
N TRP A 24 -4.10 4.83 -2.61
CA TRP A 24 -3.91 3.83 -1.52
C TRP A 24 -2.45 3.80 -1.08
N MET A 25 -2.19 3.68 0.19
CA MET A 25 -0.78 3.64 0.67
C MET A 25 -0.50 2.33 1.42
N ARG A 26 0.75 2.04 1.65
CA ARG A 26 1.11 0.79 2.38
C ARG A 26 1.88 1.15 3.65
N VAL A 27 1.27 1.04 4.79
CA VAL A 27 1.98 1.40 6.05
C VAL A 27 2.25 0.16 6.90
N GLN A 28 3.16 0.27 7.83
CA GLN A 28 3.48 -0.88 8.72
C GLN A 28 3.24 -0.50 10.18
N ASP A 29 2.02 -0.62 10.64
CA ASP A 29 1.72 -0.25 12.05
C ASP A 29 2.16 -1.37 13.00
N THR A 30 1.88 -1.23 14.28
CA THR A 30 2.28 -2.29 15.25
C THR A 30 1.49 -3.58 14.99
N SER A 31 0.30 -3.46 14.46
CA SER A 31 -0.50 -4.68 14.19
C SER A 31 0.01 -5.38 12.94
N GLY A 32 0.60 -4.65 12.03
CA GLY A 32 1.13 -5.28 10.78
C GLY A 32 1.10 -4.26 9.65
N THR A 33 1.27 -4.70 8.44
CA THR A 33 1.25 -3.76 7.28
C THR A 33 -0.16 -3.64 6.70
N TYR A 34 -0.76 -2.48 6.80
CA TYR A 34 -2.13 -2.32 6.25
C TYR A 34 -2.12 -1.33 5.08
N TYR A 35 -3.25 -0.74 4.77
CA TYR A 35 -3.30 0.23 3.65
C TYR A 35 -4.09 1.47 4.04
N TRP A 36 -3.55 2.63 3.82
CA TRP A 36 -4.26 3.90 4.18
C TRP A 36 -4.97 4.48 2.95
N HIS A 37 -6.22 4.81 3.08
CA HIS A 37 -6.95 5.38 1.91
C HIS A 37 -6.84 6.91 1.94
N ILE A 38 -6.02 7.45 1.09
CA ILE A 38 -5.80 8.93 1.05
C ILE A 38 -7.09 9.69 0.69
N PRO A 39 -7.84 9.19 -0.25
CA PRO A 39 -9.07 9.88 -0.69
C PRO A 39 -10.18 9.81 0.37
N THR A 40 -10.56 8.62 0.78
CA THR A 40 -11.63 8.49 1.80
C THR A 40 -11.05 8.59 3.21
N GLY A 41 -9.96 7.92 3.45
CA GLY A 41 -9.34 7.95 4.80
C GLY A 41 -9.54 6.61 5.50
N THR A 42 -10.30 5.73 4.91
CA THR A 42 -10.54 4.40 5.54
C THR A 42 -9.25 3.57 5.52
N THR A 43 -9.18 2.56 6.35
CA THR A 43 -7.95 1.71 6.37
C THR A 43 -8.32 0.26 6.04
N GLN A 44 -7.35 -0.56 5.75
CA GLN A 44 -7.64 -1.98 5.41
C GLN A 44 -6.50 -2.88 5.87
N TRP A 45 -6.17 -3.89 5.10
CA TRP A 45 -5.07 -4.80 5.49
C TRP A 45 -4.34 -5.31 4.24
N GLU A 46 -5.06 -5.87 3.31
CA GLU A 46 -4.43 -6.38 2.07
C GLU A 46 -4.41 -5.30 0.99
N PRO A 47 -3.58 -5.51 0.00
CA PRO A 47 -3.45 -4.54 -1.11
C PRO A 47 -4.68 -4.62 -2.03
N PRO A 48 -5.41 -3.54 -2.08
CA PRO A 48 -6.63 -3.48 -2.93
C PRO A 48 -6.23 -3.39 -4.41
N GLY A 49 -6.83 -4.21 -5.24
CA GLY A 49 -6.49 -4.18 -6.69
C GLY A 49 -5.48 -5.29 -7.01
N ARG A 50 -5.80 -6.11 -7.97
CA ARG A 50 -4.86 -7.22 -8.33
C ARG A 50 -3.43 -6.68 -8.51
N ALA A 51 -2.56 -6.95 -7.58
CA ALA A 51 -1.16 -6.45 -7.70
C ALA A 51 -0.61 -6.75 -9.10
N SER A 52 -0.12 -5.74 -9.77
CA SER A 52 0.43 -5.97 -11.14
C SER A 52 1.95 -5.77 -11.13
N PRO A 53 2.65 -6.73 -10.61
CA PRO A 53 4.12 -6.67 -10.54
C PRO A 53 4.74 -6.88 -11.92
N SER A 54 6.04 -6.84 -12.02
CA SER A 54 6.70 -7.04 -13.34
C SER A 54 8.22 -7.18 -13.16
N GLN A 55 8.78 -8.23 -13.67
CA GLN A 55 10.25 -8.42 -13.53
C GLN A 55 10.68 -9.77 -14.12
N ASP A 6 15.42 19.87 -8.90
CA ASP A 6 14.62 20.41 -7.76
C ASP A 6 14.37 19.31 -6.73
N SER A 7 15.34 19.05 -5.89
CA SER A 7 15.16 17.99 -4.86
C SER A 7 15.75 18.44 -3.52
N PHE A 8 15.11 19.34 -2.84
CA PHE A 8 15.64 19.83 -1.54
C PHE A 8 14.54 19.79 -0.47
N TRP A 9 14.84 19.27 0.69
CA TRP A 9 13.82 19.20 1.77
C TRP A 9 12.63 18.36 1.31
N ASN A 10 12.84 17.09 1.06
CA ASN A 10 11.72 16.23 0.60
C ASN A 10 10.51 16.40 1.53
N PRO A 11 9.35 16.23 0.97
CA PRO A 11 8.10 16.36 1.75
C PRO A 11 7.91 15.15 2.67
N ASN A 12 7.25 14.13 2.19
CA ASN A 12 7.03 12.92 3.05
C ASN A 12 7.02 11.65 2.19
N ALA A 13 8.15 11.30 1.64
CA ALA A 13 8.21 10.07 0.79
C ALA A 13 8.44 8.84 1.68
N PHE A 14 8.14 7.66 1.19
CA PHE A 14 8.35 6.44 2.00
C PHE A 14 8.40 5.20 1.10
N GLU A 15 9.56 4.86 0.61
CA GLU A 15 9.68 3.67 -0.27
C GLU A 15 8.51 3.61 -1.26
N THR A 16 8.32 2.50 -1.92
CA THR A 16 7.20 2.39 -2.90
C THR A 16 6.07 1.56 -2.30
N ASP A 17 5.17 1.09 -3.12
CA ASP A 17 4.04 0.27 -2.60
C ASP A 17 4.05 -1.13 -3.23
N SER A 18 3.13 -1.97 -2.85
CA SER A 18 3.09 -3.34 -3.42
C SER A 18 2.19 -3.38 -4.65
N ASP A 19 2.41 -2.49 -5.59
CA ASP A 19 1.55 -2.48 -6.82
C ASP A 19 0.12 -2.06 -6.47
N LEU A 20 -0.03 -0.97 -5.78
CA LEU A 20 -1.40 -0.50 -5.40
C LEU A 20 -1.90 0.52 -6.42
N PRO A 21 -3.19 0.77 -6.38
CA PRO A 21 -3.81 1.74 -7.30
C PRO A 21 -3.41 3.16 -6.93
N ALA A 22 -4.14 4.14 -7.39
CA ALA A 22 -3.79 5.56 -7.07
C ALA A 22 -4.64 6.06 -5.90
N GLY A 23 -4.01 6.43 -4.82
CA GLY A 23 -4.77 6.93 -3.65
C GLY A 23 -4.68 5.93 -2.50
N TRP A 24 -3.89 4.92 -2.65
CA TRP A 24 -3.75 3.91 -1.54
C TRP A 24 -2.30 3.85 -1.07
N MET A 25 -2.08 3.88 0.21
CA MET A 25 -0.68 3.84 0.73
C MET A 25 -0.41 2.55 1.50
N ARG A 26 0.83 2.28 1.79
CA ARG A 26 1.17 1.05 2.56
C ARG A 26 1.90 1.43 3.85
N VAL A 27 1.26 1.29 4.97
CA VAL A 27 1.93 1.67 6.26
C VAL A 27 2.28 0.42 7.07
N GLN A 28 3.11 0.58 8.06
CA GLN A 28 3.50 -0.57 8.91
C GLN A 28 3.13 -0.29 10.38
N ASP A 29 1.91 -0.56 10.75
CA ASP A 29 1.48 -0.30 12.16
C ASP A 29 1.91 -1.46 13.06
N THR A 30 1.63 -1.37 14.33
CA THR A 30 2.01 -2.45 15.28
C THR A 30 1.33 -3.76 14.88
N SER A 31 0.12 -3.69 14.38
CA SER A 31 -0.60 -4.92 13.98
C SER A 31 0.05 -5.52 12.73
N GLY A 32 0.70 -4.72 11.94
CA GLY A 32 1.35 -5.25 10.71
C GLY A 32 1.32 -4.18 9.62
N THR A 33 1.58 -4.55 8.39
CA THR A 33 1.57 -3.55 7.29
C THR A 33 0.19 -3.52 6.62
N TYR A 34 -0.52 -2.43 6.75
CA TYR A 34 -1.86 -2.35 6.11
C TYR A 34 -1.86 -1.31 5.00
N TYR A 35 -3.01 -0.78 4.67
CA TYR A 35 -3.07 0.24 3.59
C TYR A 35 -3.87 1.47 4.05
N TRP A 36 -3.37 2.64 3.79
CA TRP A 36 -4.09 3.87 4.22
C TRP A 36 -4.77 4.53 3.01
N HIS A 37 -6.06 4.58 3.01
CA HIS A 37 -6.79 5.21 1.88
C HIS A 37 -6.72 6.75 1.99
N ILE A 38 -6.01 7.36 1.09
CA ILE A 38 -5.86 8.85 1.12
C ILE A 38 -7.18 9.57 0.78
N PRO A 39 -7.90 9.05 -0.19
CA PRO A 39 -9.16 9.69 -0.61
C PRO A 39 -10.28 9.50 0.42
N THR A 40 -10.60 8.28 0.76
CA THR A 40 -11.69 8.04 1.75
C THR A 40 -11.13 8.10 3.18
N GLY A 41 -9.86 7.86 3.33
CA GLY A 41 -9.25 7.91 4.69
C GLY A 41 -9.45 6.55 5.38
N THR A 42 -10.30 5.71 4.83
CA THR A 42 -10.53 4.39 5.46
C THR A 42 -9.24 3.57 5.49
N THR A 43 -9.17 2.59 6.34
CA THR A 43 -7.95 1.74 6.42
C THR A 43 -8.30 0.28 6.14
N GLN A 44 -7.34 -0.55 5.83
CA GLN A 44 -7.65 -1.97 5.55
C GLN A 44 -6.49 -2.87 5.99
N TRP A 45 -6.23 -3.93 5.28
CA TRP A 45 -5.12 -4.84 5.67
C TRP A 45 -4.46 -5.43 4.41
N GLU A 46 -5.25 -5.77 3.43
CA GLU A 46 -4.68 -6.35 2.17
C GLU A 46 -4.68 -5.29 1.07
N PRO A 47 -3.94 -5.58 0.03
CA PRO A 47 -3.85 -4.64 -1.12
C PRO A 47 -5.16 -4.65 -1.92
N PRO A 48 -5.74 -3.48 -2.06
CA PRO A 48 -7.01 -3.35 -2.81
C PRO A 48 -6.76 -3.52 -4.31
N GLY A 49 -5.55 -3.35 -4.74
CA GLY A 49 -5.24 -3.50 -6.20
C GLY A 49 -6.17 -2.59 -7.01
N ARG A 50 -6.12 -2.68 -8.31
CA ARG A 50 -6.99 -1.83 -9.15
C ARG A 50 -8.42 -1.79 -8.58
N ALA A 51 -9.05 -2.93 -8.49
CA ALA A 51 -10.43 -2.97 -7.95
C ALA A 51 -11.38 -2.14 -8.81
N SER A 52 -12.31 -2.78 -9.45
CA SER A 52 -13.27 -2.02 -10.32
C SER A 52 -14.64 -1.94 -9.66
N PRO A 53 -15.14 -0.73 -9.54
CA PRO A 53 -16.46 -0.52 -8.91
C PRO A 53 -17.57 -0.97 -9.86
N SER A 54 -17.90 -2.23 -9.85
CA SER A 54 -18.98 -2.74 -10.75
C SER A 54 -20.04 -3.47 -9.94
N GLN A 55 -21.18 -3.73 -10.54
CA GLN A 55 -22.26 -4.45 -9.80
C GLN A 55 -22.13 -5.95 -10.00
N ASP A 6 6.12 19.98 -14.68
CA ASP A 6 7.04 18.82 -14.51
C ASP A 6 8.30 19.26 -13.75
N SER A 7 8.18 19.47 -12.47
CA SER A 7 9.36 19.89 -11.66
C SER A 7 10.03 18.67 -11.03
N PHE A 8 11.27 18.79 -10.64
CA PHE A 8 11.97 17.64 -10.02
C PHE A 8 11.55 17.48 -8.57
N TRP A 9 10.73 16.52 -8.27
CA TRP A 9 10.28 16.32 -6.86
C TRP A 9 11.50 16.11 -5.94
N ASN A 10 11.26 15.83 -4.70
CA ASN A 10 12.40 15.62 -3.75
C ASN A 10 13.26 14.43 -4.22
N PRO A 11 14.47 14.40 -3.74
CA PRO A 11 15.42 13.32 -4.10
C PRO A 11 15.03 12.02 -3.38
N ASN A 12 15.56 11.79 -2.22
CA ASN A 12 15.22 10.55 -1.47
C ASN A 12 13.89 10.72 -0.74
N ALA A 13 13.84 11.62 0.21
CA ALA A 13 12.57 11.84 0.96
C ALA A 13 12.05 10.50 1.51
N PHE A 14 10.84 10.50 2.03
CA PHE A 14 10.28 9.24 2.57
C PHE A 14 9.78 8.35 1.43
N GLU A 15 10.21 7.13 1.37
CA GLU A 15 9.76 6.21 0.29
C GLU A 15 8.24 6.21 0.19
N THR A 16 7.69 5.76 -0.90
CA THR A 16 6.22 5.73 -1.05
C THR A 16 5.70 4.29 -0.99
N ASP A 17 4.49 4.07 -1.43
CA ASP A 17 3.93 2.69 -1.40
C ASP A 17 4.83 1.74 -2.19
N SER A 18 4.47 0.49 -2.26
CA SER A 18 5.31 -0.49 -3.01
C SER A 18 4.60 -0.93 -4.29
N ASP A 19 3.39 -1.41 -4.16
CA ASP A 19 2.63 -1.86 -5.37
C ASP A 19 1.13 -1.71 -5.13
N LEU A 20 0.72 -0.57 -4.63
CA LEU A 20 -0.74 -0.34 -4.39
C LEU A 20 -1.34 0.47 -5.54
N PRO A 21 -2.65 0.53 -5.55
CA PRO A 21 -3.35 1.31 -6.60
C PRO A 21 -3.09 2.81 -6.42
N ALA A 22 -3.92 3.63 -6.99
CA ALA A 22 -3.72 5.10 -6.85
C ALA A 22 -4.48 5.65 -5.64
N GLY A 23 -3.80 6.33 -4.77
CA GLY A 23 -4.47 6.90 -3.56
C GLY A 23 -4.29 5.96 -2.37
N TRP A 24 -3.97 4.72 -2.61
CA TRP A 24 -3.79 3.78 -1.47
C TRP A 24 -2.33 3.79 -1.02
N MET A 25 -2.09 3.97 0.25
CA MET A 25 -0.68 4.00 0.75
C MET A 25 -0.34 2.72 1.51
N ARG A 26 0.92 2.50 1.76
CA ARG A 26 1.33 1.27 2.51
C ARG A 26 2.06 1.68 3.79
N VAL A 27 1.47 1.44 4.92
CA VAL A 27 2.13 1.84 6.20
C VAL A 27 2.52 0.59 7.00
N GLN A 28 3.35 0.76 7.99
CA GLN A 28 3.78 -0.38 8.83
C GLN A 28 3.40 -0.14 10.29
N ASP A 29 2.47 -0.89 10.80
CA ASP A 29 2.05 -0.67 12.22
C ASP A 29 2.41 -1.90 13.06
N THR A 30 2.12 -1.85 14.34
CA THR A 30 2.44 -3.00 15.23
C THR A 30 1.72 -4.26 14.74
N SER A 31 0.46 -4.15 14.44
CA SER A 31 -0.30 -5.35 13.96
C SER A 31 0.28 -5.86 12.64
N GLY A 32 0.87 -4.98 11.85
CA GLY A 32 1.45 -5.42 10.56
C GLY A 32 1.35 -4.28 9.55
N THR A 33 1.86 -4.48 8.36
CA THR A 33 1.79 -3.40 7.33
C THR A 33 0.39 -3.37 6.70
N TYR A 34 -0.31 -2.27 6.83
CA TYR A 34 -1.67 -2.19 6.24
C TYR A 34 -1.70 -1.15 5.12
N TYR A 35 -2.85 -0.59 4.83
CA TYR A 35 -2.94 0.43 3.76
C TYR A 35 -3.78 1.63 4.21
N TRP A 36 -3.50 2.79 3.70
CA TRP A 36 -4.29 3.99 4.10
C TRP A 36 -4.99 4.59 2.89
N HIS A 37 -6.29 4.58 2.88
CA HIS A 37 -7.04 5.16 1.71
C HIS A 37 -7.03 6.69 1.78
N ILE A 38 -6.33 7.31 0.86
CA ILE A 38 -6.26 8.80 0.86
C ILE A 38 -7.59 9.46 0.47
N PRO A 39 -8.27 8.89 -0.50
CA PRO A 39 -9.56 9.46 -0.97
C PRO A 39 -10.69 9.23 0.04
N THR A 40 -10.89 8.02 0.49
CA THR A 40 -12.00 7.77 1.46
C THR A 40 -11.53 8.03 2.89
N GLY A 41 -10.24 7.95 3.12
CA GLY A 41 -9.71 8.20 4.49
C GLY A 41 -9.83 6.91 5.32
N THR A 42 -10.55 5.94 4.84
CA THR A 42 -10.69 4.68 5.61
C THR A 42 -9.39 3.87 5.56
N THR A 43 -9.27 2.88 6.40
CA THR A 43 -8.03 2.06 6.41
C THR A 43 -8.38 0.59 6.14
N GLN A 44 -7.43 -0.18 5.69
CA GLN A 44 -7.70 -1.62 5.41
C GLN A 44 -6.43 -2.45 5.62
N TRP A 45 -6.47 -3.71 5.29
CA TRP A 45 -5.26 -4.57 5.48
C TRP A 45 -5.04 -5.46 4.26
N GLU A 46 -5.87 -5.34 3.26
CA GLU A 46 -5.70 -6.18 2.05
C GLU A 46 -5.33 -5.30 0.85
N PRO A 47 -4.83 -5.95 -0.18
CA PRO A 47 -4.43 -5.22 -1.41
C PRO A 47 -5.67 -4.77 -2.19
N PRO A 48 -5.86 -3.48 -2.22
CA PRO A 48 -7.03 -2.90 -2.95
C PRO A 48 -6.82 -3.00 -4.46
N GLY A 49 -7.54 -2.21 -5.21
CA GLY A 49 -7.38 -2.25 -6.70
C GLY A 49 -8.76 -2.15 -7.36
N ARG A 50 -9.42 -1.04 -7.22
CA ARG A 50 -10.76 -0.89 -7.84
C ARG A 50 -10.65 -0.15 -9.18
N ALA A 51 -9.56 0.52 -9.40
CA ALA A 51 -9.39 1.26 -10.68
C ALA A 51 -8.92 0.30 -11.79
N SER A 52 -9.51 0.40 -12.95
CA SER A 52 -9.10 -0.51 -14.07
C SER A 52 -9.40 -1.97 -13.70
N PRO A 53 -9.55 -2.77 -14.71
CA PRO A 53 -9.84 -4.21 -14.50
C PRO A 53 -8.61 -4.94 -13.97
N SER A 54 -7.78 -5.44 -14.84
CA SER A 54 -6.56 -6.16 -14.39
C SER A 54 -5.31 -5.28 -14.59
N GLN A 55 -4.27 -5.53 -13.84
CA GLN A 55 -3.04 -4.71 -14.00
C GLN A 55 -1.88 -5.59 -14.48
N ASP A 6 21.69 2.05 -1.88
CA ASP A 6 22.26 3.29 -2.47
C ASP A 6 21.24 4.42 -2.40
N SER A 7 21.49 5.41 -1.57
CA SER A 7 20.54 6.55 -1.46
C SER A 7 21.07 7.58 -0.47
N PHE A 8 20.23 8.48 -0.02
CA PHE A 8 20.68 9.52 0.94
C PHE A 8 19.48 10.18 1.61
N TRP A 9 18.57 10.71 0.84
CA TRP A 9 17.38 11.37 1.43
C TRP A 9 16.69 10.43 2.42
N ASN A 10 16.95 9.15 2.31
CA ASN A 10 16.30 8.18 3.24
C ASN A 10 17.28 7.81 4.36
N PRO A 11 17.03 8.36 5.51
CA PRO A 11 17.88 8.10 6.69
C PRO A 11 17.63 6.68 7.23
N ASN A 12 16.47 6.14 6.98
CA ASN A 12 16.16 4.77 7.49
C ASN A 12 15.64 3.90 6.34
N ALA A 13 15.92 4.27 5.12
CA ALA A 13 15.44 3.45 3.97
C ALA A 13 13.92 3.25 4.05
N PHE A 14 13.49 2.22 4.72
CA PHE A 14 12.02 1.97 4.83
C PHE A 14 11.40 1.84 3.44
N GLU A 15 10.87 0.69 3.13
CA GLU A 15 10.25 0.49 1.78
C GLU A 15 8.90 1.21 1.71
N THR A 16 8.49 1.60 0.54
CA THR A 16 7.19 2.31 0.40
C THR A 16 6.16 1.40 -0.27
N ASP A 17 5.00 1.92 -0.61
CA ASP A 17 3.97 1.07 -1.27
C ASP A 17 4.60 0.29 -2.43
N SER A 18 4.00 -0.80 -2.81
CA SER A 18 4.56 -1.61 -3.93
C SER A 18 3.80 -1.31 -5.23
N ASP A 19 2.78 -2.07 -5.53
CA ASP A 19 2.01 -1.83 -6.78
C ASP A 19 0.52 -1.66 -6.46
N LEU A 20 0.18 -0.69 -5.65
CA LEU A 20 -1.24 -0.47 -5.29
C LEU A 20 -1.89 0.52 -6.27
N PRO A 21 -3.19 0.61 -6.20
CA PRO A 21 -3.94 1.53 -7.08
C PRO A 21 -3.67 2.99 -6.66
N ALA A 22 -4.14 3.94 -7.42
CA ALA A 22 -3.90 5.36 -7.06
C ALA A 22 -4.83 5.80 -5.93
N GLY A 23 -4.28 6.22 -4.83
CA GLY A 23 -5.13 6.67 -3.68
C GLY A 23 -4.93 5.74 -2.49
N TRP A 24 -4.08 4.76 -2.62
CA TRP A 24 -3.85 3.82 -1.49
C TRP A 24 -2.37 3.85 -1.07
N MET A 25 -2.11 3.77 0.21
CA MET A 25 -0.70 3.79 0.68
C MET A 25 -0.35 2.51 1.44
N ARG A 26 0.90 2.28 1.70
CA ARG A 26 1.30 1.05 2.45
C ARG A 26 2.03 1.46 3.73
N VAL A 27 1.37 1.36 4.85
CA VAL A 27 2.03 1.75 6.13
C VAL A 27 2.35 0.51 6.97
N GLN A 28 3.19 0.65 7.95
CA GLN A 28 3.54 -0.51 8.82
C GLN A 28 3.18 -0.20 10.28
N ASP A 29 2.04 -0.65 10.72
CA ASP A 29 1.64 -0.39 12.13
C ASP A 29 1.92 -1.61 13.00
N THR A 30 1.80 -1.47 14.29
CA THR A 30 2.06 -2.64 15.19
C THR A 30 1.30 -3.88 14.69
N SER A 31 0.00 -3.79 14.60
CA SER A 31 -0.78 -4.96 14.13
C SER A 31 -0.16 -5.54 12.85
N GLY A 32 0.45 -4.70 12.05
CA GLY A 32 1.07 -5.19 10.79
C GLY A 32 0.97 -4.12 9.71
N THR A 33 1.44 -4.39 8.52
CA THR A 33 1.36 -3.38 7.43
C THR A 33 -0.05 -3.36 6.84
N TYR A 34 -0.70 -2.23 6.87
CA TYR A 34 -2.08 -2.15 6.30
C TYR A 34 -2.10 -1.23 5.08
N TYR A 35 -3.26 -0.76 4.72
CA TYR A 35 -3.36 0.16 3.54
C TYR A 35 -4.16 1.40 3.91
N TRP A 36 -3.56 2.55 3.82
CA TRP A 36 -4.29 3.81 4.16
C TRP A 36 -5.01 4.36 2.93
N HIS A 37 -6.20 4.87 3.10
CA HIS A 37 -6.94 5.41 1.93
C HIS A 37 -6.80 6.94 1.89
N ILE A 38 -6.00 7.44 0.99
CA ILE A 38 -5.78 8.91 0.87
C ILE A 38 -7.08 9.67 0.56
N PRO A 39 -7.91 9.13 -0.29
CA PRO A 39 -9.17 9.83 -0.65
C PRO A 39 -10.19 9.81 0.51
N THR A 40 -10.64 8.67 0.91
CA THR A 40 -11.63 8.61 2.02
C THR A 40 -10.93 8.60 3.38
N GLY A 41 -9.84 7.90 3.49
CA GLY A 41 -9.11 7.86 4.79
C GLY A 41 -9.35 6.51 5.47
N THR A 42 -10.05 5.62 4.82
CA THR A 42 -10.31 4.28 5.43
C THR A 42 -9.03 3.44 5.42
N THR A 43 -8.94 2.48 6.30
CA THR A 43 -7.74 1.61 6.34
C THR A 43 -8.15 0.15 6.11
N GLN A 44 -7.22 -0.68 5.73
CA GLN A 44 -7.56 -2.11 5.50
C GLN A 44 -6.39 -3.02 5.89
N TRP A 45 -6.14 -4.05 5.14
CA TRP A 45 -5.01 -4.97 5.48
C TRP A 45 -4.29 -5.40 4.20
N GLU A 46 -4.99 -6.00 3.28
CA GLU A 46 -4.35 -6.44 2.02
C GLU A 46 -4.42 -5.33 0.97
N PRO A 47 -3.64 -5.49 -0.06
CA PRO A 47 -3.61 -4.47 -1.15
C PRO A 47 -4.90 -4.54 -1.97
N PRO A 48 -5.62 -3.44 -1.95
CA PRO A 48 -6.89 -3.36 -2.71
C PRO A 48 -6.63 -3.26 -4.21
N GLY A 49 -7.38 -3.98 -5.00
CA GLY A 49 -7.17 -3.93 -6.48
C GLY A 49 -8.53 -3.85 -7.18
N ARG A 50 -8.74 -4.67 -8.18
CA ARG A 50 -10.04 -4.65 -8.91
C ARG A 50 -11.00 -5.68 -8.30
N ALA A 51 -10.48 -6.59 -7.53
CA ALA A 51 -11.37 -7.63 -6.91
C ALA A 51 -10.58 -8.45 -5.88
N SER A 52 -10.75 -8.14 -4.62
CA SER A 52 -10.01 -8.90 -3.57
C SER A 52 -10.34 -10.39 -3.67
N PRO A 53 -9.35 -11.20 -3.38
CA PRO A 53 -9.53 -12.67 -3.44
C PRO A 53 -10.36 -13.16 -2.25
N SER A 54 -11.05 -14.25 -2.40
CA SER A 54 -11.88 -14.77 -1.28
C SER A 54 -11.69 -16.28 -1.15
N GLN A 55 -11.89 -16.82 0.03
CA GLN A 55 -11.73 -18.29 0.23
C GLN A 55 -12.05 -18.66 1.68
N ASP A 6 15.86 8.84 5.45
CA ASP A 6 16.66 8.57 6.68
C ASP A 6 18.09 8.17 6.30
N SER A 7 18.78 7.50 7.18
CA SER A 7 20.18 7.08 6.85
C SER A 7 20.21 6.30 5.55
N PHE A 8 20.72 6.88 4.50
CA PHE A 8 20.78 6.16 3.20
C PHE A 8 21.50 4.82 3.36
N TRP A 9 22.41 4.74 4.30
CA TRP A 9 23.15 3.46 4.50
C TRP A 9 22.21 2.38 5.05
N ASN A 10 21.65 1.58 4.18
CA ASN A 10 20.72 0.49 4.64
C ASN A 10 20.15 -0.26 3.44
N PRO A 11 20.75 -1.38 3.15
CA PRO A 11 20.31 -2.22 2.01
C PRO A 11 18.99 -2.92 2.34
N ASN A 12 18.73 -3.17 3.60
CA ASN A 12 17.46 -3.86 3.98
C ASN A 12 16.65 -2.97 4.92
N ALA A 13 16.19 -1.84 4.43
CA ALA A 13 15.37 -0.93 5.29
C ALA A 13 13.92 -0.90 4.81
N PHE A 14 13.00 -0.60 5.69
CA PHE A 14 11.56 -0.55 5.28
C PHE A 14 11.42 0.21 3.96
N GLU A 15 11.37 -0.48 2.86
CA GLU A 15 11.23 0.21 1.55
C GLU A 15 9.83 0.84 1.43
N THR A 16 9.41 1.13 0.23
CA THR A 16 8.06 1.76 0.05
C THR A 16 7.04 0.70 -0.35
N ASP A 17 5.92 1.11 -0.90
CA ASP A 17 4.89 0.13 -1.32
C ASP A 17 5.45 -0.81 -2.40
N SER A 18 4.63 -1.66 -2.94
CA SER A 18 5.12 -2.60 -3.99
C SER A 18 4.35 -2.38 -5.30
N ASP A 19 3.06 -2.25 -5.22
CA ASP A 19 2.24 -2.05 -6.45
C ASP A 19 0.77 -1.79 -6.10
N LEU A 20 0.50 -0.71 -5.42
CA LEU A 20 -0.92 -0.41 -5.06
C LEU A 20 -1.54 0.49 -6.12
N PRO A 21 -2.84 0.63 -6.04
CA PRO A 21 -3.57 1.49 -7.00
C PRO A 21 -3.21 2.96 -6.75
N ALA A 22 -4.01 3.87 -7.23
CA ALA A 22 -3.70 5.31 -7.02
C ALA A 22 -4.53 5.87 -5.85
N GLY A 23 -3.86 6.32 -4.82
CA GLY A 23 -4.59 6.88 -3.66
C GLY A 23 -4.45 5.96 -2.45
N TRP A 24 -3.96 4.76 -2.65
CA TRP A 24 -3.80 3.83 -1.50
C TRP A 24 -2.34 3.85 -1.00
N MET A 25 -2.15 3.82 0.29
CA MET A 25 -0.76 3.85 0.82
C MET A 25 -0.43 2.56 1.57
N ARG A 26 0.82 2.34 1.84
CA ARG A 26 1.23 1.12 2.59
C ARG A 26 1.95 1.52 3.88
N VAL A 27 1.36 1.28 5.02
CA VAL A 27 2.02 1.68 6.30
C VAL A 27 2.43 0.45 7.11
N GLN A 28 3.28 0.64 8.08
CA GLN A 28 3.72 -0.52 8.93
C GLN A 28 3.38 -0.24 10.39
N ASP A 29 2.21 -0.63 10.81
CA ASP A 29 1.81 -0.38 12.23
C ASP A 29 2.25 -1.55 13.12
N THR A 30 1.98 -1.45 14.39
CA THR A 30 2.38 -2.55 15.33
C THR A 30 1.65 -3.85 14.96
N SER A 31 0.44 -3.74 14.49
CA SER A 31 -0.32 -4.98 14.12
C SER A 31 0.25 -5.58 12.84
N GLY A 32 0.93 -4.79 12.05
CA GLY A 32 1.50 -5.32 10.78
C GLY A 32 1.43 -4.23 9.70
N THR A 33 1.84 -4.56 8.50
CA THR A 33 1.80 -3.54 7.40
C THR A 33 0.43 -3.53 6.75
N TYR A 34 -0.31 -2.46 6.88
CA TYR A 34 -1.66 -2.40 6.26
C TYR A 34 -1.69 -1.33 5.17
N TYR A 35 -2.83 -0.80 4.87
CA TYR A 35 -2.91 0.24 3.80
C TYR A 35 -3.76 1.42 4.27
N TRP A 36 -3.42 2.62 3.85
CA TRP A 36 -4.20 3.82 4.26
C TRP A 36 -4.88 4.45 3.04
N HIS A 37 -6.18 4.51 3.04
CA HIS A 37 -6.91 5.12 1.89
C HIS A 37 -6.88 6.65 1.98
N ILE A 38 -6.14 7.28 1.12
CA ILE A 38 -6.04 8.77 1.13
C ILE A 38 -7.36 9.46 0.71
N PRO A 39 -8.02 8.89 -0.28
CA PRO A 39 -9.28 9.51 -0.78
C PRO A 39 -10.45 9.30 0.20
N THR A 40 -10.72 8.08 0.59
CA THR A 40 -11.85 7.85 1.53
C THR A 40 -11.39 8.02 2.97
N GLY A 41 -10.11 7.90 3.21
CA GLY A 41 -9.59 8.06 4.60
C GLY A 41 -9.78 6.74 5.37
N THR A 42 -10.48 5.81 4.81
CA THR A 42 -10.70 4.52 5.51
C THR A 42 -9.40 3.72 5.56
N THR A 43 -9.33 2.74 6.41
CA THR A 43 -8.09 1.91 6.50
C THR A 43 -8.41 0.44 6.22
N GLN A 44 -7.49 -0.27 5.64
CA GLN A 44 -7.73 -1.72 5.35
C GLN A 44 -6.46 -2.53 5.58
N TRP A 45 -6.45 -3.78 5.20
CA TRP A 45 -5.22 -4.60 5.41
C TRP A 45 -4.93 -5.44 4.16
N GLU A 46 -5.73 -5.30 3.14
CA GLU A 46 -5.48 -6.10 1.90
C GLU A 46 -5.23 -5.16 0.71
N PRO A 47 -4.62 -5.72 -0.30
CA PRO A 47 -4.31 -4.93 -1.52
C PRO A 47 -5.58 -4.65 -2.33
N PRO A 48 -5.95 -3.41 -2.37
CA PRO A 48 -7.17 -2.99 -3.12
C PRO A 48 -6.93 -3.08 -4.63
N GLY A 49 -7.73 -3.83 -5.33
CA GLY A 49 -7.55 -3.95 -6.80
C GLY A 49 -8.80 -4.56 -7.43
N ARG A 50 -9.96 -4.21 -6.91
CA ARG A 50 -11.22 -4.77 -7.49
C ARG A 50 -12.26 -3.66 -7.65
N ALA A 51 -12.23 -2.96 -8.75
CA ALA A 51 -13.23 -1.87 -8.97
C ALA A 51 -13.25 -0.92 -7.76
N SER A 52 -14.08 0.09 -7.80
CA SER A 52 -14.15 1.04 -6.66
C SER A 52 -14.91 0.40 -5.48
N PRO A 53 -16.11 -0.02 -5.77
CA PRO A 53 -16.95 -0.64 -4.73
C PRO A 53 -16.47 -2.06 -4.43
N SER A 54 -16.13 -2.34 -3.19
CA SER A 54 -15.64 -3.70 -2.85
C SER A 54 -16.08 -4.07 -1.43
N GLN A 55 -16.97 -5.03 -1.31
CA GLN A 55 -17.45 -5.44 0.04
C GLN A 55 -17.41 -6.96 0.18
N ASP A 6 21.13 -13.86 -0.63
CA ASP A 6 20.11 -13.59 0.42
C ASP A 6 18.88 -12.91 -0.20
N SER A 7 18.03 -12.36 0.62
CA SER A 7 16.81 -11.68 0.08
C SER A 7 16.87 -10.19 0.37
N PHE A 8 16.07 -9.40 -0.31
CA PHE A 8 16.09 -7.93 -0.07
C PHE A 8 17.50 -7.38 -0.21
N TRP A 9 18.37 -8.10 -0.89
CA TRP A 9 19.76 -7.62 -1.07
C TRP A 9 19.78 -6.20 -1.64
N ASN A 10 18.79 -5.86 -2.43
CA ASN A 10 18.75 -4.49 -3.01
C ASN A 10 19.08 -3.44 -1.95
N PRO A 11 20.06 -2.63 -2.25
CA PRO A 11 20.48 -1.56 -1.30
C PRO A 11 19.46 -0.42 -1.29
N ASN A 12 18.73 -0.26 -2.36
CA ASN A 12 17.72 0.84 -2.42
C ASN A 12 16.31 0.28 -2.22
N ALA A 13 16.15 -0.61 -1.27
CA ALA A 13 14.80 -1.20 -1.02
C ALA A 13 13.83 -0.11 -0.57
N PHE A 14 14.32 0.93 0.03
CA PHE A 14 13.42 2.03 0.50
C PHE A 14 12.76 2.72 -0.70
N GLU A 15 11.46 2.73 -0.74
CA GLU A 15 10.76 3.40 -1.89
C GLU A 15 9.29 3.61 -1.55
N THR A 16 8.48 3.87 -2.54
CA THR A 16 7.02 4.09 -2.28
C THR A 16 6.27 2.75 -2.35
N ASP A 17 4.97 2.79 -2.37
CA ASP A 17 4.18 1.53 -2.43
C ASP A 17 4.80 0.57 -3.45
N SER A 18 4.53 -0.70 -3.33
CA SER A 18 5.10 -1.69 -4.29
C SER A 18 4.34 -1.64 -5.61
N ASP A 19 3.04 -1.51 -5.56
CA ASP A 19 2.24 -1.45 -6.81
C ASP A 19 0.75 -1.27 -6.48
N LEU A 20 0.43 -0.26 -5.72
CA LEU A 20 -1.00 -0.03 -5.36
C LEU A 20 -1.64 0.94 -6.36
N PRO A 21 -2.94 1.03 -6.29
CA PRO A 21 -3.69 1.94 -7.20
C PRO A 21 -3.40 3.41 -6.84
N ALA A 22 -4.25 4.30 -7.27
CA ALA A 22 -4.03 5.74 -6.95
C ALA A 22 -4.85 6.16 -5.73
N GLY A 23 -4.21 6.61 -4.70
CA GLY A 23 -4.96 7.03 -3.48
C GLY A 23 -4.85 5.96 -2.40
N TRP A 24 -4.04 4.95 -2.63
CA TRP A 24 -3.90 3.88 -1.61
C TRP A 24 -2.44 3.80 -1.15
N MET A 25 -2.22 3.72 0.14
CA MET A 25 -0.83 3.65 0.64
C MET A 25 -0.60 2.38 1.46
N ARG A 26 0.65 2.06 1.73
CA ARG A 26 0.95 0.84 2.52
C ARG A 26 1.72 1.23 3.79
N VAL A 27 1.13 1.08 4.93
CA VAL A 27 1.83 1.48 6.19
C VAL A 27 2.18 0.24 7.02
N GLN A 28 3.11 0.39 7.93
CA GLN A 28 3.51 -0.76 8.79
C GLN A 28 3.28 -0.42 10.27
N ASP A 29 2.07 -0.60 10.75
CA ASP A 29 1.80 -0.28 12.18
C ASP A 29 2.24 -1.44 13.08
N THR A 30 2.28 -1.22 14.37
CA THR A 30 2.69 -2.30 15.29
C THR A 30 1.84 -3.55 15.06
N SER A 31 0.59 -3.38 14.75
CA SER A 31 -0.30 -4.55 14.51
C SER A 31 0.14 -5.29 13.24
N GLY A 32 0.64 -4.57 12.27
CA GLY A 32 1.08 -5.24 11.01
C GLY A 32 1.12 -4.20 9.88
N THR A 33 1.22 -4.64 8.66
CA THR A 33 1.28 -3.68 7.52
C THR A 33 -0.10 -3.61 6.84
N TYR A 34 -0.75 -2.48 6.92
CA TYR A 34 -2.10 -2.36 6.28
C TYR A 34 -2.06 -1.35 5.13
N TYR A 35 -3.18 -0.81 4.78
CA TYR A 35 -3.23 0.18 3.66
C TYR A 35 -3.99 1.43 4.09
N TRP A 36 -3.46 2.59 3.81
CA TRP A 36 -4.17 3.85 4.20
C TRP A 36 -4.82 4.50 2.99
N HIS A 37 -6.11 4.70 3.04
CA HIS A 37 -6.82 5.34 1.89
C HIS A 37 -6.71 6.86 1.99
N ILE A 38 -5.91 7.45 1.14
CA ILE A 38 -5.73 8.93 1.18
C ILE A 38 -7.00 9.70 0.78
N PRO A 39 -7.72 9.18 -0.20
CA PRO A 39 -8.95 9.88 -0.66
C PRO A 39 -10.09 9.74 0.34
N THR A 40 -10.47 8.53 0.68
CA THR A 40 -11.60 8.36 1.66
C THR A 40 -11.06 8.37 3.09
N GLY A 41 -9.88 7.86 3.30
CA GLY A 41 -9.32 7.84 4.68
C GLY A 41 -9.54 6.46 5.31
N THR A 42 -10.32 5.64 4.68
CA THR A 42 -10.59 4.28 5.24
C THR A 42 -9.29 3.48 5.31
N THR A 43 -9.24 2.50 6.17
CA THR A 43 -8.01 1.67 6.28
C THR A 43 -8.34 0.21 5.98
N GLN A 44 -7.37 -0.59 5.62
CA GLN A 44 -7.65 -2.02 5.32
C GLN A 44 -6.49 -2.91 5.79
N TRP A 45 -6.10 -3.86 4.99
CA TRP A 45 -4.99 -4.76 5.39
C TRP A 45 -4.39 -5.42 4.14
N GLU A 46 -5.23 -5.96 3.30
CA GLU A 46 -4.72 -6.62 2.06
C GLU A 46 -4.69 -5.61 0.90
N PRO A 47 -4.01 -5.98 -0.14
CA PRO A 47 -3.91 -5.10 -1.33
C PRO A 47 -5.25 -5.05 -2.08
N PRO A 48 -5.76 -3.85 -2.22
CA PRO A 48 -7.06 -3.67 -2.92
C PRO A 48 -6.89 -3.88 -4.42
N GLY A 49 -7.11 -5.07 -4.90
CA GLY A 49 -6.95 -5.34 -6.35
C GLY A 49 -6.27 -6.70 -6.55
N ARG A 50 -6.34 -7.23 -7.74
CA ARG A 50 -5.70 -8.55 -8.00
C ARG A 50 -4.24 -8.35 -8.41
N ALA A 51 -4.00 -8.11 -9.67
CA ALA A 51 -2.60 -7.91 -10.14
C ALA A 51 -2.58 -7.02 -11.39
N SER A 52 -3.31 -7.41 -12.40
CA SER A 52 -3.34 -6.60 -13.65
C SER A 52 -4.49 -7.07 -14.55
N PRO A 53 -4.99 -6.16 -15.34
CA PRO A 53 -6.11 -6.48 -16.26
C PRO A 53 -5.61 -7.35 -17.42
N SER A 54 -5.58 -8.64 -17.23
CA SER A 54 -5.11 -9.54 -18.33
C SER A 54 -3.64 -9.26 -18.65
N GLN A 55 -2.83 -10.27 -18.71
CA GLN A 55 -1.39 -10.07 -19.02
C GLN A 55 -1.16 -10.11 -20.53
#